data_3ZCT
#
_entry.id   3ZCT
#
_cell.length_a   128.346
_cell.length_b   128.346
_cell.length_c   116.498
_cell.angle_alpha   90.00
_cell.angle_beta   90.00
_cell.angle_gamma   90.00
#
_symmetry.space_group_name_H-M   'P 43 21 2'
#
loop_
_entity.id
_entity.type
_entity.pdbx_description
1 polymer 'GLYCOGEN PHOSPHORYLASE, MUSCLE FORM'
2 non-polymer "PYRIDOXAL-5'-PHOSPHATE"
3 non-polymer N-[[(2R,3R,4S,5S,6R)-6-(hydroxymethyl)-3,4,5-tris(oxidanyl)oxan-2-yl]carbamoyl]naphthalene-2-carboxamide
4 non-polymer 'INOSINIC ACID'
5 water water
#
_entity_poly.entity_id   1
_entity_poly.type   'polypeptide(L)'
_entity_poly.pdbx_seq_one_letter_code
;MSRPLSDQEKRKQISVRGLAGVENVTELKKNFNRHLHFTLVKDRNVATPRDYYFALAHTVRDHLVGRWIRTQQHYYEKDP
KRIYYLSLEFYMGRTLQNTMVNLALENACDEATYQLGLDMEELEEIEEDAGLGNGGLGRLAACFLDSMATLGLAAYGYGI
RYEFGIFNQKICGGWQMEEADDWLRYGNPWEKARPEFTLPVHFYGRVEHTSQGAKWVDTQVVLAMPYDTPVPGYRNNVVN
TMRLWSAKAPNDFNLKDFNVGGYIQAVLDRNLAENISRVLYPNDNFFEGKELRLKQEYFVVAATLQDIIRRFKSSKFGCR
DPVRTNFDAFPDKVAIQLNDTHPSLAIPELMRVLVDLERLDWDKAWEVTVKTCAYTNHTVLPEALERWPVHLLETLLPRH
LQIIYEINQRFLNRVAAAFPGDVDRLRRMSLVEEGAVKRINMAHLCIAGSHAVNGVARIHSEILKKTIFKDFYELEPHKF
QNKTNGITPRRWLVLCNPGLAEIIAERIGEEYISDLDQLRKLLSYVDDEAFIRDVAKVKQENKLKFAAYLEREYKVHINP
NSLFDVQVKRIHEYKRQLLNCLHVITLYNRIKKEPNKFVVPRTVMIGGKAAPGYHMAKMIIKLITAIGDVVNHDPVVGDR
LRVIFLENYRVSLAEKVIPAADLSEQISTAGTEASGTGNMKFMLNGALTIGTMDGANVEMAEEAGEENFFIFGMRVEDVD
RLDQRGYNAQEYYDRIPELRQIIEQLSSGFFSPKQPDLFKDIVNMLMHHDRFKVFADYEEYVKCQERVSALYKNPREWTR
MVIRNIATSGKFSSDRTIAQYAREIWGVEPSRQRLPAPDEKIP
;
_entity_poly.pdbx_strand_id   A
#
loop_
_chem_comp.id
_chem_comp.type
_chem_comp.name
_chem_comp.formula
IMP non-polymer 'INOSINIC ACID' 'C10 H13 N4 O8 P'
PLP non-polymer PYRIDOXAL-5'-PHOSPHATE 'C8 H10 N O6 P'
VMP non-polymer N-[[(2R,3R,4S,5S,6R)-6-(hydroxymethyl)-3,4,5-tris(oxidanyl)oxan-2-yl]carbamoyl]naphthalene-2-carboxamide 'C18 H20 N2 O7'
#
# COMPACT_ATOMS: atom_id res chain seq x y z
N GLN A 13 -22.19 -22.07 -7.32
CA GLN A 13 -21.52 -22.31 -8.63
C GLN A 13 -20.14 -22.97 -8.44
N ILE A 14 -19.24 -22.29 -7.71
CA ILE A 14 -17.89 -22.83 -7.43
C ILE A 14 -17.67 -23.10 -5.94
N SER A 15 -16.90 -24.14 -5.64
CA SER A 15 -16.76 -24.69 -4.28
C SER A 15 -16.18 -23.72 -3.24
N VAL A 16 -15.11 -23.01 -3.59
CA VAL A 16 -14.42 -22.13 -2.63
C VAL A 16 -15.27 -20.96 -2.11
N ARG A 17 -16.39 -20.71 -2.79
CA ARG A 17 -17.31 -19.64 -2.40
C ARG A 17 -18.36 -20.04 -1.36
N GLY A 18 -18.27 -21.28 -0.88
CA GLY A 18 -19.10 -21.76 0.23
C GLY A 18 -20.45 -22.36 -0.15
N LEU A 19 -21.24 -22.69 0.87
CA LEU A 19 -22.54 -23.32 0.68
C LEU A 19 -23.68 -22.33 0.47
N ALA A 20 -24.63 -22.72 -0.38
CA ALA A 20 -25.85 -21.96 -0.58
C ALA A 20 -27.05 -22.79 -0.11
N GLY A 21 -27.15 -22.95 1.20
CA GLY A 21 -28.24 -23.72 1.82
C GLY A 21 -29.59 -23.04 1.74
N VAL A 22 -30.64 -23.85 1.66
CA VAL A 22 -32.02 -23.37 1.54
C VAL A 22 -32.39 -22.37 2.63
N GLU A 23 -31.98 -22.67 3.87
CA GLU A 23 -32.31 -21.85 5.03
C GLU A 23 -31.60 -20.48 5.01
N ASN A 24 -30.32 -20.48 4.65
CA ASN A 24 -29.55 -19.24 4.52
C ASN A 24 -30.04 -18.34 3.40
N VAL A 25 -30.33 -18.94 2.24
CA VAL A 25 -30.80 -18.20 1.07
C VAL A 25 -32.15 -17.53 1.34
N THR A 26 -33.06 -18.26 1.97
CA THR A 26 -34.38 -17.74 2.35
C THR A 26 -34.24 -16.56 3.32
N GLU A 27 -33.33 -16.70 4.30
CA GLU A 27 -33.08 -15.66 5.30
C GLU A 27 -32.45 -14.39 4.71
N LEU A 28 -31.48 -14.56 3.81
CA LEU A 28 -30.83 -13.43 3.13
C LEU A 28 -31.81 -12.63 2.29
N LYS A 29 -32.68 -13.33 1.56
CA LYS A 29 -33.69 -12.70 0.71
C LYS A 29 -34.66 -11.81 1.50
N LYS A 30 -35.09 -12.31 2.66
CA LYS A 30 -36.05 -11.56 3.46
C LYS A 30 -35.42 -10.37 4.18
N ASN A 31 -34.16 -10.53 4.60
CA ASN A 31 -33.42 -9.43 5.23
C ASN A 31 -33.05 -8.36 4.21
N PHE A 32 -32.83 -8.78 2.97
CA PHE A 32 -32.60 -7.86 1.85
C PHE A 32 -33.84 -7.00 1.64
N ASN A 33 -35.00 -7.65 1.58
CA ASN A 33 -36.27 -6.95 1.40
C ASN A 33 -36.62 -6.04 2.58
N ARG A 34 -36.27 -6.47 3.79
CA ARG A 34 -36.47 -5.68 4.98
C ARG A 34 -35.65 -4.37 4.92
N HIS A 35 -34.38 -4.47 4.54
CA HIS A 35 -33.51 -3.29 4.47
C HIS A 35 -33.95 -2.33 3.37
N LEU A 36 -34.35 -2.88 2.23
CA LEU A 36 -34.84 -2.06 1.12
C LEU A 36 -36.02 -1.20 1.57
N HIS A 37 -36.89 -1.80 2.39
CA HIS A 37 -38.10 -1.15 2.87
C HIS A 37 -37.78 -0.23 4.06
N PHE A 38 -37.30 -0.81 5.16
CA PHE A 38 -37.12 -0.08 6.41
C PHE A 38 -35.88 0.80 6.49
N THR A 39 -34.80 0.39 5.82
CA THR A 39 -33.54 1.11 5.90
C THR A 39 -33.40 2.13 4.78
N LEU A 40 -33.72 1.71 3.56
CA LEU A 40 -33.57 2.59 2.42
C LEU A 40 -34.83 3.39 2.08
N VAL A 41 -35.97 2.99 2.66
CA VAL A 41 -37.28 3.64 2.41
C VAL A 41 -37.58 3.71 0.91
N LYS A 42 -37.55 2.55 0.27
CA LYS A 42 -37.84 2.40 -1.15
C LYS A 42 -38.74 1.19 -1.35
N ASP A 43 -39.46 1.13 -2.47
CA ASP A 43 -40.08 -0.12 -2.90
C ASP A 43 -39.51 -0.52 -4.25
N ARG A 44 -39.66 -1.80 -4.61
CA ARG A 44 -39.06 -2.36 -5.83
C ARG A 44 -39.31 -1.55 -7.09
N ASN A 45 -40.38 -0.75 -7.09
CA ASN A 45 -40.82 -0.04 -8.30
C ASN A 45 -39.95 1.16 -8.68
N VAL A 46 -39.32 1.79 -7.69
CA VAL A 46 -38.45 2.95 -7.97
C VAL A 46 -37.00 2.75 -7.52
N ALA A 47 -36.69 1.56 -7.00
CA ALA A 47 -35.33 1.22 -6.57
C ALA A 47 -34.37 1.13 -7.75
N THR A 48 -33.17 1.68 -7.56
CA THR A 48 -32.12 1.66 -8.58
C THR A 48 -31.06 0.62 -8.19
N PRO A 49 -30.13 0.30 -9.11
CA PRO A 49 -29.05 -0.60 -8.76
C PRO A 49 -28.29 -0.20 -7.48
N ARG A 50 -28.10 1.11 -7.25
CA ARG A 50 -27.42 1.60 -6.05
C ARG A 50 -28.19 1.24 -4.78
N ASP A 51 -29.52 1.37 -4.82
CA ASP A 51 -30.37 0.97 -3.70
C ASP A 51 -30.19 -0.52 -3.40
N TYR A 52 -30.12 -1.32 -4.47
CA TYR A 52 -29.96 -2.76 -4.32
C TYR A 52 -28.60 -3.11 -3.70
N TYR A 53 -27.55 -2.41 -4.12
CA TYR A 53 -26.24 -2.57 -3.49
C TYR A 53 -26.31 -2.30 -1.98
N PHE A 54 -26.93 -1.18 -1.59
CA PHE A 54 -27.01 -0.82 -0.17
C PHE A 54 -27.84 -1.81 0.65
N ALA A 55 -28.92 -2.34 0.05
CA ALA A 55 -29.72 -3.37 0.72
C ALA A 55 -28.87 -4.61 0.98
N LEU A 56 -28.08 -5.03 -0.02
CA LEU A 56 -27.18 -6.17 0.15
C LEU A 56 -26.10 -5.88 1.20
N ALA A 57 -25.50 -4.69 1.11
CA ALA A 57 -24.46 -4.26 2.06
C ALA A 57 -24.96 -4.33 3.51
N HIS A 58 -26.14 -3.77 3.76
CA HIS A 58 -26.74 -3.84 5.10
C HIS A 58 -27.04 -5.27 5.54
N THR A 59 -27.48 -6.10 4.60
CA THR A 59 -27.80 -7.51 4.88
C THR A 59 -26.54 -8.28 5.33
N VAL A 60 -25.45 -8.10 4.59
CA VAL A 60 -24.18 -8.77 4.90
C VAL A 60 -23.59 -8.20 6.19
N ARG A 61 -23.69 -6.87 6.33
CA ARG A 61 -23.25 -6.16 7.53
C ARG A 61 -23.87 -6.73 8.81
N ASP A 62 -25.15 -7.10 8.75
CA ASP A 62 -25.84 -7.69 9.90
C ASP A 62 -25.10 -8.90 10.47
N HIS A 63 -24.53 -9.72 9.58
CA HIS A 63 -23.82 -10.95 9.98
C HIS A 63 -22.49 -10.71 10.71
N LEU A 64 -21.97 -9.49 10.61
CA LEU A 64 -20.72 -9.11 11.28
C LEU A 64 -20.95 -8.74 12.74
N VAL A 65 -22.15 -8.27 13.06
CA VAL A 65 -22.44 -7.62 14.34
C VAL A 65 -22.17 -8.50 15.56
N GLY A 66 -22.78 -9.68 15.60
CA GLY A 66 -22.64 -10.58 16.75
C GLY A 66 -21.19 -10.97 16.99
N ARG A 67 -20.50 -11.34 15.92
CA ARG A 67 -19.08 -11.69 15.96
C ARG A 67 -18.21 -10.52 16.44
N TRP A 68 -18.54 -9.30 15.98
CA TRP A 68 -17.81 -8.08 16.36
C TRP A 68 -17.94 -7.79 17.85
N ILE A 69 -19.17 -7.81 18.35
CA ILE A 69 -19.42 -7.58 19.78
C ILE A 69 -18.71 -8.65 20.63
N ARG A 70 -18.82 -9.91 20.22
CA ARG A 70 -18.24 -10.98 21.03
C ARG A 70 -16.71 -11.10 20.93
N THR A 71 -16.14 -10.71 19.79
CA THR A 71 -14.67 -10.63 19.68
C THR A 71 -14.14 -9.59 20.67
N GLN A 72 -14.73 -8.39 20.64
CA GLN A 72 -14.26 -7.30 21.50
C GLN A 72 -14.48 -7.55 22.99
N GLN A 73 -15.61 -8.15 23.35
CA GLN A 73 -15.84 -8.51 24.76
C GLN A 73 -14.93 -9.67 25.20
N HIS A 74 -14.58 -10.56 24.28
CA HIS A 74 -13.60 -11.61 24.52
C HIS A 74 -12.21 -11.04 24.89
N TYR A 75 -11.80 -9.97 24.20
CA TYR A 75 -10.52 -9.31 24.51
C TYR A 75 -10.54 -8.62 25.87
N TYR A 76 -11.69 -8.05 26.22
CA TYR A 76 -11.85 -7.41 27.53
C TYR A 76 -11.74 -8.44 28.66
N GLU A 77 -12.30 -9.64 28.44
CA GLU A 77 -12.27 -10.72 29.44
C GLU A 77 -10.90 -11.38 29.58
N LYS A 78 -10.34 -11.81 28.44
CA LYS A 78 -9.05 -12.51 28.44
C LYS A 78 -7.82 -11.60 28.58
N ASP A 79 -8.01 -10.30 28.34
CA ASP A 79 -6.95 -9.29 28.46
C ASP A 79 -5.60 -9.70 27.83
N PRO A 80 -5.61 -10.06 26.53
CA PRO A 80 -4.33 -10.38 25.90
C PRO A 80 -3.51 -9.11 25.63
N LYS A 81 -2.24 -9.28 25.26
CA LYS A 81 -1.45 -8.16 24.77
C LYS A 81 -2.10 -7.62 23.50
N ARG A 82 -2.28 -6.30 23.43
CA ARG A 82 -2.94 -5.64 22.31
C ARG A 82 -1.93 -5.06 21.34
N ILE A 83 -2.21 -5.21 20.04
CA ILE A 83 -1.33 -4.69 19.00
C ILE A 83 -1.98 -3.47 18.38
N TYR A 84 -1.27 -2.35 18.40
CA TYR A 84 -1.78 -1.12 17.81
C TYR A 84 -0.95 -0.76 16.58
N TYR A 85 -1.57 -0.87 15.40
CA TYR A 85 -0.93 -0.55 14.15
C TYR A 85 -1.27 0.88 13.74
N LEU A 86 -0.32 1.79 13.91
CA LEU A 86 -0.53 3.20 13.61
C LEU A 86 -0.09 3.52 12.19
N SER A 87 -1.02 4.08 11.41
CA SER A 87 -0.73 4.43 10.02
C SER A 87 -1.56 5.64 9.63
N LEU A 88 -0.99 6.47 8.77
CA LEU A 88 -1.71 7.61 8.21
C LEU A 88 -2.50 7.15 6.99
N GLU A 89 -2.26 5.92 6.56
CA GLU A 89 -2.88 5.38 5.36
C GLU A 89 -3.41 3.96 5.57
N PHE A 90 -4.66 3.74 5.17
CA PHE A 90 -5.23 2.40 5.08
C PHE A 90 -5.93 2.30 3.73
N TYR A 91 -5.28 1.64 2.77
CA TYR A 91 -5.80 1.56 1.42
C TYR A 91 -6.69 0.31 1.30
N MET A 92 -7.94 0.43 1.75
CA MET A 92 -8.84 -0.72 1.95
C MET A 92 -9.50 -1.27 0.70
N GLY A 93 -9.79 -0.40 -0.27
CA GLY A 93 -10.59 -0.77 -1.45
C GLY A 93 -12.04 -1.01 -1.06
N ARG A 94 -12.71 -1.89 -1.80
CA ARG A 94 -14.10 -2.27 -1.52
C ARG A 94 -14.18 -3.31 -0.41
N THR A 95 -15.31 -3.31 0.31
CA THR A 95 -15.50 -4.15 1.50
C THR A 95 -16.53 -5.29 1.31
N LEU A 96 -17.48 -5.14 0.41
CA LEU A 96 -18.61 -6.09 0.30
C LEU A 96 -18.17 -7.53 -0.01
N GLN A 97 -17.47 -7.72 -1.11
CA GLN A 97 -17.04 -9.06 -1.50
C GLN A 97 -16.08 -9.65 -0.48
N ASN A 98 -15.18 -8.83 0.05
CA ASN A 98 -14.24 -9.28 1.08
C ASN A 98 -14.93 -9.81 2.32
N THR A 99 -16.01 -9.13 2.72
CA THR A 99 -16.77 -9.55 3.89
C THR A 99 -17.47 -10.89 3.61
N MET A 100 -18.05 -11.02 2.42
CA MET A 100 -18.70 -12.27 2.01
C MET A 100 -17.72 -13.45 1.99
N VAL A 101 -16.55 -13.22 1.42
CA VAL A 101 -15.48 -14.23 1.38
C VAL A 101 -15.12 -14.70 2.78
N ASN A 102 -14.83 -13.76 3.67
CA ASN A 102 -14.34 -14.09 5.02
C ASN A 102 -15.42 -14.74 5.91
N LEU A 103 -16.68 -14.53 5.55
CA LEU A 103 -17.82 -15.10 6.29
C LEU A 103 -18.43 -16.33 5.63
N ALA A 104 -17.89 -16.72 4.47
CA ALA A 104 -18.38 -17.86 3.68
C ALA A 104 -19.82 -17.66 3.20
N LEU A 105 -20.13 -16.44 2.76
CA LEU A 105 -21.49 -16.06 2.38
C LEU A 105 -21.65 -15.81 0.88
N GLU A 106 -20.56 -15.90 0.13
CA GLU A 106 -20.57 -15.48 -1.27
C GLU A 106 -21.58 -16.22 -2.16
N ASN A 107 -21.56 -17.55 -2.13
CA ASN A 107 -22.48 -18.35 -2.93
C ASN A 107 -23.94 -18.16 -2.51
N ALA A 108 -24.17 -18.10 -1.20
CA ALA A 108 -25.49 -17.85 -0.63
C ALA A 108 -26.06 -16.50 -1.09
N CYS A 109 -25.25 -15.43 -1.00
CA CYS A 109 -25.67 -14.12 -1.46
C CYS A 109 -25.86 -14.08 -2.97
N ASP A 110 -25.01 -14.80 -3.70
CA ASP A 110 -25.13 -14.91 -5.15
C ASP A 110 -26.47 -15.55 -5.54
N GLU A 111 -26.81 -16.65 -4.86
CA GLU A 111 -28.09 -17.34 -5.09
C GLU A 111 -29.26 -16.47 -4.66
N ALA A 112 -29.19 -15.88 -3.47
CA ALA A 112 -30.25 -15.04 -2.93
C ALA A 112 -30.60 -13.90 -3.89
N THR A 113 -29.58 -13.21 -4.39
CA THR A 113 -29.77 -12.09 -5.31
C THR A 113 -30.26 -12.56 -6.69
N TYR A 114 -29.73 -13.69 -7.15
CA TYR A 114 -30.19 -14.32 -8.40
C TYR A 114 -31.71 -14.57 -8.36
N GLN A 115 -32.18 -15.10 -7.24
CA GLN A 115 -33.61 -15.40 -7.06
C GLN A 115 -34.49 -14.15 -6.97
N LEU A 116 -33.89 -13.03 -6.54
CA LEU A 116 -34.58 -11.74 -6.54
C LEU A 116 -34.48 -11.04 -7.90
N GLY A 117 -33.78 -11.69 -8.83
CA GLY A 117 -33.64 -11.18 -10.19
C GLY A 117 -32.51 -10.18 -10.37
N LEU A 118 -31.48 -10.31 -9.54
CA LEU A 118 -30.35 -9.37 -9.58
C LEU A 118 -29.02 -10.07 -9.84
N ASP A 119 -28.10 -9.35 -10.46
CA ASP A 119 -26.73 -9.81 -10.67
C ASP A 119 -25.82 -9.19 -9.62
N MET A 120 -25.29 -10.04 -8.74
CA MET A 120 -24.47 -9.58 -7.61
C MET A 120 -23.17 -8.89 -8.04
N GLU A 121 -22.59 -9.35 -9.14
CA GLU A 121 -21.35 -8.76 -9.65
C GLU A 121 -21.54 -7.32 -10.11
N GLU A 122 -22.73 -7.05 -10.65
CA GLU A 122 -23.13 -5.70 -11.05
C GLU A 122 -23.31 -4.79 -9.84
N LEU A 123 -23.87 -5.34 -8.77
CA LEU A 123 -24.07 -4.60 -7.53
C LEU A 123 -22.74 -4.28 -6.83
N GLU A 124 -21.80 -5.22 -6.93
CA GLU A 124 -20.45 -5.04 -6.37
C GLU A 124 -19.70 -3.87 -6.99
N GLU A 125 -19.95 -3.62 -8.27
CA GLU A 125 -19.29 -2.53 -9.01
C GLU A 125 -19.75 -1.13 -8.59
N ILE A 126 -20.82 -1.06 -7.82
CA ILE A 126 -21.37 0.21 -7.35
C ILE A 126 -20.60 0.77 -6.15
N GLU A 127 -20.04 -0.11 -5.33
CA GLU A 127 -19.32 0.30 -4.13
C GLU A 127 -18.09 1.15 -4.49
N GLU A 128 -17.93 2.26 -3.79
CA GLU A 128 -16.73 3.09 -3.92
C GLU A 128 -15.58 2.42 -3.19
N ASP A 129 -14.38 2.55 -3.75
CA ASP A 129 -13.17 2.21 -3.01
C ASP A 129 -13.01 3.11 -1.80
N ALA A 130 -12.60 2.54 -0.67
CA ALA A 130 -12.08 3.33 0.42
C ALA A 130 -10.62 3.58 0.06
N GLY A 131 -10.35 4.71 -0.59
CA GLY A 131 -9.02 5.01 -1.10
C GLY A 131 -8.21 5.85 -0.13
N LEU A 132 -8.07 5.36 1.10
CA LEU A 132 -7.39 6.15 2.13
C LEU A 132 -5.89 5.89 2.19
N GLY A 133 -5.28 5.77 1.01
CA GLY A 133 -3.83 5.58 0.90
C GLY A 133 -3.34 5.90 -0.50
N ASN A 134 -2.02 6.03 -0.63
CA ASN A 134 -1.38 6.35 -1.89
C ASN A 134 -1.01 5.13 -2.74
N GLY A 135 -0.53 4.09 -2.09
CA GLY A 135 -0.05 2.91 -2.81
C GLY A 135 0.38 1.82 -1.86
N GLY A 136 1.63 1.38 -2.00
CA GLY A 136 2.13 0.19 -1.31
C GLY A 136 2.09 0.21 0.21
N LEU A 137 2.48 1.34 0.79
CA LEU A 137 2.50 1.50 2.25
C LEU A 137 1.08 1.43 2.83
N GLY A 138 0.13 2.10 2.16
CA GLY A 138 -1.27 2.08 2.59
C GLY A 138 -1.93 0.72 2.39
N ARG A 139 -1.59 0.06 1.29
CA ARG A 139 -2.16 -1.26 0.99
C ARG A 139 -1.58 -2.32 1.91
N LEU A 140 -0.31 -2.16 2.29
CA LEU A 140 0.32 -3.06 3.25
C LEU A 140 -0.41 -3.07 4.59
N ALA A 141 -0.80 -1.88 5.06
CA ALA A 141 -1.57 -1.77 6.30
C ALA A 141 -2.90 -2.54 6.18
N ALA A 142 -3.54 -2.47 5.01
CA ALA A 142 -4.80 -3.14 4.77
C ALA A 142 -4.66 -4.67 4.78
N CYS A 143 -3.66 -5.19 4.06
CA CYS A 143 -3.35 -6.62 4.05
C CYS A 143 -3.01 -7.10 5.45
N PHE A 144 -2.24 -6.30 6.18
CA PHE A 144 -1.87 -6.62 7.56
C PHE A 144 -3.07 -6.75 8.49
N LEU A 145 -4.04 -5.86 8.37
CA LEU A 145 -5.25 -5.95 9.20
C LEU A 145 -5.99 -7.28 8.96
N ASP A 146 -6.11 -7.64 7.70
CA ASP A 146 -6.75 -8.90 7.29
C ASP A 146 -6.03 -10.10 7.92
N SER A 147 -4.69 -10.09 7.82
CA SER A 147 -3.89 -11.21 8.36
C SER A 147 -3.92 -11.29 9.88
N MET A 148 -3.86 -10.14 10.55
CA MET A 148 -3.92 -10.12 12.01
C MET A 148 -5.23 -10.68 12.55
N ALA A 149 -6.34 -10.36 11.89
CA ALA A 149 -7.65 -10.90 12.22
C ALA A 149 -7.72 -12.40 11.95
N THR A 150 -7.16 -12.81 10.81
CA THR A 150 -7.09 -14.22 10.42
C THR A 150 -6.20 -15.05 11.37
N LEU A 151 -5.19 -14.42 11.95
CA LEU A 151 -4.29 -15.11 12.89
C LEU A 151 -4.68 -14.91 14.35
N GLY A 152 -5.87 -14.37 14.57
CA GLY A 152 -6.47 -14.26 15.90
C GLY A 152 -5.76 -13.34 16.87
N LEU A 153 -5.10 -12.30 16.36
CA LEU A 153 -4.40 -11.36 17.22
C LEU A 153 -5.35 -10.25 17.66
N ALA A 154 -5.18 -9.79 18.90
CA ALA A 154 -5.97 -8.68 19.42
C ALA A 154 -5.40 -7.37 18.85
N ALA A 155 -5.75 -7.08 17.61
CA ALA A 155 -5.12 -6.00 16.85
C ALA A 155 -6.10 -4.90 16.50
N TYR A 156 -5.61 -3.66 16.53
CA TYR A 156 -6.40 -2.50 16.17
C TYR A 156 -5.62 -1.66 15.17
N GLY A 157 -6.29 -1.29 14.07
CA GLY A 157 -5.73 -0.32 13.13
C GLY A 157 -6.23 1.06 13.49
N TYR A 158 -5.32 2.01 13.61
CA TYR A 158 -5.68 3.39 13.97
C TYR A 158 -5.15 4.36 12.92
N GLY A 159 -6.05 5.20 12.40
CA GLY A 159 -5.69 6.17 11.37
C GLY A 159 -6.66 7.33 11.35
N ILE A 160 -6.72 8.00 10.21
CA ILE A 160 -7.57 9.17 10.01
C ILE A 160 -8.67 8.84 9.00
N ARG A 161 -9.90 9.24 9.32
CA ARG A 161 -11.00 9.16 8.37
C ARG A 161 -10.97 10.39 7.47
N TYR A 162 -10.25 10.30 6.36
CA TYR A 162 -10.23 11.39 5.39
C TYR A 162 -11.57 11.49 4.70
N GLU A 163 -12.11 12.70 4.64
CA GLU A 163 -13.33 12.96 3.88
C GLU A 163 -13.09 12.73 2.40
N PHE A 164 -11.87 13.04 1.96
CA PHE A 164 -11.45 12.81 0.58
C PHE A 164 -10.17 11.98 0.55
N GLY A 165 -10.23 10.83 -0.12
CA GLY A 165 -9.08 9.94 -0.22
C GLY A 165 -8.20 10.33 -1.39
N ILE A 166 -7.43 9.38 -1.90
CA ILE A 166 -6.61 9.63 -3.08
C ILE A 166 -7.50 10.12 -4.25
N PHE A 167 -7.07 11.18 -4.93
CA PHE A 167 -7.85 11.78 -6.02
C PHE A 167 -8.21 10.78 -7.13
N ASN A 168 -9.36 10.99 -7.74
CA ASN A 168 -9.69 10.29 -8.97
C ASN A 168 -8.91 10.92 -10.12
N GLN A 169 -8.27 10.07 -10.91
CA GLN A 169 -7.45 10.51 -12.03
C GLN A 169 -8.25 10.50 -13.32
N LYS A 170 -8.34 11.66 -13.96
CA LYS A 170 -8.91 11.77 -15.30
C LYS A 170 -7.77 12.09 -16.25
N ILE A 171 -7.80 11.53 -17.45
CA ILE A 171 -6.83 11.86 -18.49
C ILE A 171 -7.49 12.78 -19.54
N CYS A 172 -6.98 13.99 -19.66
CA CYS A 172 -7.49 14.96 -20.63
C CYS A 172 -6.39 15.48 -21.54
N GLY A 173 -6.56 15.24 -22.84
CA GLY A 173 -5.52 15.56 -23.83
C GLY A 173 -4.20 14.89 -23.56
N GLY A 174 -4.25 13.74 -22.89
CA GLY A 174 -3.04 13.00 -22.51
C GLY A 174 -2.45 13.39 -21.16
N TRP A 175 -3.04 14.38 -20.51
CA TRP A 175 -2.55 14.87 -19.23
C TRP A 175 -3.38 14.36 -18.06
N GLN A 176 -2.73 14.10 -16.93
CA GLN A 176 -3.45 13.79 -15.70
C GLN A 176 -4.17 15.03 -15.17
N MET A 177 -5.45 14.85 -14.87
CA MET A 177 -6.23 15.83 -14.11
C MET A 177 -6.67 15.18 -12.82
N GLU A 178 -6.69 15.95 -11.74
CA GLU A 178 -7.11 15.44 -10.44
C GLU A 178 -8.49 15.94 -10.10
N GLU A 179 -9.36 15.04 -9.65
CA GLU A 179 -10.62 15.48 -9.05
C GLU A 179 -10.85 14.83 -7.69
N ALA A 180 -11.58 15.54 -6.84
CA ALA A 180 -11.86 15.10 -5.48
C ALA A 180 -12.52 13.74 -5.46
N ASP A 181 -12.02 12.88 -4.58
CA ASP A 181 -12.58 11.55 -4.34
C ASP A 181 -13.63 11.66 -3.22
N ASP A 182 -14.85 11.99 -3.60
CA ASP A 182 -15.95 12.21 -2.67
C ASP A 182 -16.58 10.87 -2.31
N TRP A 183 -15.80 10.00 -1.66
CA TRP A 183 -16.19 8.61 -1.44
C TRP A 183 -17.32 8.42 -0.42
N LEU A 184 -17.59 9.45 0.39
CA LEU A 184 -18.63 9.36 1.41
C LEU A 184 -20.00 9.92 0.96
N ARG A 185 -20.07 10.37 -0.28
CA ARG A 185 -21.25 11.07 -0.81
C ARG A 185 -22.57 10.31 -0.57
N TYR A 186 -22.57 9.01 -0.85
CA TYR A 186 -23.77 8.20 -0.71
C TYR A 186 -23.85 7.48 0.64
N GLY A 187 -22.88 7.76 1.51
CA GLY A 187 -22.79 7.09 2.80
C GLY A 187 -21.84 5.90 2.77
N ASN A 188 -21.42 5.46 3.96
CA ASN A 188 -20.52 4.33 4.10
C ASN A 188 -21.16 3.33 5.06
N PRO A 189 -21.70 2.22 4.54
CA PRO A 189 -22.40 1.29 5.41
C PRO A 189 -21.47 0.50 6.35
N TRP A 190 -20.17 0.53 6.07
CA TRP A 190 -19.20 -0.27 6.83
C TRP A 190 -18.61 0.43 8.06
N GLU A 191 -18.97 1.68 8.29
CA GLU A 191 -18.48 2.38 9.47
C GLU A 191 -19.57 2.60 10.52
N LYS A 192 -19.18 2.52 11.79
CA LYS A 192 -20.06 2.90 12.88
C LYS A 192 -19.45 4.08 13.62
N ALA A 193 -20.11 5.24 13.52
CA ALA A 193 -19.72 6.44 14.25
C ALA A 193 -19.82 6.17 15.74
N ARG A 194 -18.82 6.64 16.49
CA ARG A 194 -18.82 6.51 17.94
C ARG A 194 -18.63 7.89 18.61
N PRO A 195 -19.59 8.82 18.41
CA PRO A 195 -19.43 10.18 18.96
C PRO A 195 -19.28 10.23 20.48
N GLU A 196 -19.76 9.20 21.16
CA GLU A 196 -19.64 9.10 22.62
C GLU A 196 -18.21 8.89 23.10
N PHE A 197 -17.32 8.45 22.20
CA PHE A 197 -15.91 8.24 22.55
C PHE A 197 -14.98 9.33 21.99
N THR A 198 -15.54 10.52 21.80
CA THR A 198 -14.79 11.69 21.31
C THR A 198 -13.77 12.14 22.35
N LEU A 199 -12.56 12.46 21.88
CA LEU A 199 -11.44 12.82 22.74
C LEU A 199 -10.79 14.13 22.31
N PRO A 200 -10.25 14.90 23.28
CA PRO A 200 -9.61 16.17 22.92
C PRO A 200 -8.15 16.02 22.50
N VAL A 201 -7.75 16.79 21.48
CA VAL A 201 -6.37 16.87 21.02
C VAL A 201 -5.93 18.34 21.12
N HIS A 202 -4.72 18.56 21.64
CA HIS A 202 -4.21 19.92 21.89
C HIS A 202 -3.15 20.38 20.89
N PHE A 203 -3.20 21.66 20.54
CA PHE A 203 -2.22 22.27 19.64
C PHE A 203 -1.77 23.64 20.16
N TYR A 204 -0.61 24.09 19.71
CA TYR A 204 -0.04 25.39 20.06
C TYR A 204 0.20 25.52 21.56
N GLY A 205 -0.18 26.66 22.14
CA GLY A 205 0.03 26.92 23.56
C GLY A 205 1.48 27.19 23.91
N ARG A 206 1.82 26.97 25.17
CA ARG A 206 3.18 27.21 25.67
C ARG A 206 3.48 26.30 26.85
N VAL A 207 4.76 26.19 27.20
CA VAL A 207 5.19 25.35 28.30
C VAL A 207 5.49 26.17 29.55
N GLU A 208 4.87 25.78 30.65
CA GLU A 208 5.03 26.42 31.94
C GLU A 208 5.75 25.47 32.88
N HIS A 209 6.79 25.95 33.55
CA HIS A 209 7.52 25.12 34.51
C HIS A 209 7.13 25.46 35.95
N THR A 210 6.43 24.52 36.60
CA THR A 210 6.08 24.66 38.01
C THR A 210 7.02 23.83 38.86
N SER A 211 6.83 23.86 40.18
CA SER A 211 7.57 23.02 41.12
C SER A 211 7.37 21.55 40.75
N GLN A 212 6.14 21.22 40.35
CA GLN A 212 5.75 19.86 39.98
C GLN A 212 5.92 19.60 38.48
N GLY A 213 7.08 19.96 37.94
CA GLY A 213 7.39 19.72 36.52
C GLY A 213 6.69 20.62 35.53
N ALA A 214 6.77 20.25 34.25
CA ALA A 214 6.24 21.07 33.16
C ALA A 214 4.74 20.93 32.96
N LYS A 215 4.12 22.00 32.46
CA LYS A 215 2.70 21.99 32.11
C LYS A 215 2.51 22.65 30.76
N TRP A 216 1.73 22.00 29.90
CA TRP A 216 1.40 22.52 28.57
C TRP A 216 0.05 23.23 28.67
N VAL A 217 0.07 24.54 28.45
CA VAL A 217 -1.09 25.41 28.73
C VAL A 217 -1.42 26.34 27.56
N ASP A 218 -2.61 26.95 27.63
CA ASP A 218 -3.10 27.91 26.62
C ASP A 218 -3.23 27.29 25.23
N THR A 219 -3.59 26.01 25.20
CA THR A 219 -3.69 25.27 23.94
C THR A 219 -5.00 25.53 23.23
N GLN A 220 -5.01 25.31 21.92
CA GLN A 220 -6.24 25.21 21.16
C GLN A 220 -6.63 23.73 21.11
N VAL A 221 -7.93 23.46 21.27
CA VAL A 221 -8.45 22.11 21.33
C VAL A 221 -9.20 21.76 20.05
N VAL A 222 -8.84 20.60 19.49
CA VAL A 222 -9.62 19.99 18.41
C VAL A 222 -10.10 18.64 18.92
N LEU A 223 -11.36 18.31 18.64
CA LEU A 223 -11.91 17.02 19.07
C LEU A 223 -11.65 15.93 18.04
N ALA A 224 -11.39 14.72 18.53
CA ALA A 224 -11.20 13.55 17.68
C ALA A 224 -12.36 12.59 17.89
N MET A 225 -13.18 12.43 16.85
CA MET A 225 -14.34 11.55 16.91
C MET A 225 -14.06 10.25 16.15
N PRO A 226 -14.17 9.09 16.84
CA PRO A 226 -13.83 7.82 16.19
C PRO A 226 -14.95 7.24 15.33
N TYR A 227 -14.58 6.63 14.21
CA TYR A 227 -15.47 5.81 13.40
C TYR A 227 -14.87 4.41 13.32
N ASP A 228 -15.64 3.40 13.70
CA ASP A 228 -15.13 2.02 13.74
C ASP A 228 -15.58 1.22 12.53
N THR A 229 -14.62 0.51 11.94
CA THR A 229 -14.89 -0.38 10.80
C THR A 229 -14.47 -1.80 11.20
N PRO A 230 -15.35 -2.78 10.97
CA PRO A 230 -15.01 -4.16 11.31
C PRO A 230 -14.00 -4.77 10.34
N VAL A 231 -13.08 -5.57 10.87
CA VAL A 231 -12.10 -6.30 10.08
C VAL A 231 -12.27 -7.80 10.34
N PRO A 232 -13.01 -8.50 9.47
CA PRO A 232 -13.26 -9.92 9.70
C PRO A 232 -12.06 -10.81 9.35
N GLY A 233 -11.73 -11.77 10.22
CA GLY A 233 -10.76 -12.80 9.87
C GLY A 233 -11.37 -13.83 8.93
N TYR A 234 -10.52 -14.61 8.27
CA TYR A 234 -11.00 -15.63 7.33
C TYR A 234 -11.60 -16.83 8.08
N ARG A 235 -12.94 -16.86 8.12
CA ARG A 235 -13.73 -17.99 8.63
C ARG A 235 -13.33 -18.49 10.02
N ASN A 236 -12.89 -17.57 10.87
CA ASN A 236 -12.55 -17.91 12.24
C ASN A 236 -13.45 -17.19 13.25
N ASN A 237 -14.44 -16.46 12.74
CA ASN A 237 -15.39 -15.69 13.56
C ASN A 237 -14.76 -14.55 14.37
N VAL A 238 -13.53 -14.20 14.03
CA VAL A 238 -12.86 -13.06 14.65
C VAL A 238 -13.19 -11.80 13.83
N VAL A 239 -13.58 -10.74 14.52
CA VAL A 239 -13.80 -9.45 13.88
C VAL A 239 -13.09 -8.37 14.70
N ASN A 240 -12.00 -7.86 14.14
CA ASN A 240 -11.22 -6.81 14.78
C ASN A 240 -11.73 -5.43 14.35
N THR A 241 -11.13 -4.39 14.91
CA THR A 241 -11.56 -3.02 14.66
C THR A 241 -10.49 -2.18 14.00
N MET A 242 -10.88 -1.44 12.96
CA MET A 242 -10.08 -0.33 12.45
C MET A 242 -10.77 0.94 12.92
N ARG A 243 -10.09 1.70 13.77
CA ARG A 243 -10.66 2.94 14.31
C ARG A 243 -10.04 4.15 13.61
N LEU A 244 -10.86 4.94 12.92
CA LEU A 244 -10.37 6.12 12.20
C LEU A 244 -10.93 7.40 12.82
N TRP A 245 -10.05 8.37 13.06
CA TRP A 245 -10.44 9.60 13.75
C TRP A 245 -10.87 10.68 12.76
N SER A 246 -11.94 11.37 13.12
CA SER A 246 -12.46 12.52 12.37
C SER A 246 -12.34 13.76 13.26
N ALA A 247 -11.94 14.88 12.65
CA ALA A 247 -11.72 16.14 13.39
C ALA A 247 -13.02 16.91 13.59
N LYS A 248 -13.26 17.35 14.82
CA LYS A 248 -14.45 18.12 15.17
C LYS A 248 -14.08 19.35 15.99
N ALA A 249 -14.69 20.49 15.67
CA ALA A 249 -14.49 21.69 16.47
C ALA A 249 -15.30 21.59 17.77
N PRO A 250 -14.73 22.09 18.89
CA PRO A 250 -15.52 22.16 20.14
C PRO A 250 -16.64 23.21 20.01
N ASN A 251 -17.69 23.08 20.81
CA ASN A 251 -18.89 23.92 20.65
C ASN A 251 -18.73 25.41 20.99
N ASP A 252 -17.75 25.71 21.84
CA ASP A 252 -17.42 27.10 22.17
C ASP A 252 -16.27 27.64 21.32
N PHE A 253 -15.98 26.96 20.20
CA PHE A 253 -14.90 27.34 19.28
C PHE A 253 -15.12 28.74 18.72
N ASN A 254 -14.11 29.60 18.87
CA ASN A 254 -14.19 31.03 18.51
C ASN A 254 -15.31 31.78 19.26
N LEU A 255 -15.91 31.11 20.25
CA LEU A 255 -17.06 31.65 20.99
C LEU A 255 -16.82 31.63 22.50
N GLY A 262 -18.75 38.54 13.40
CA GLY A 262 -19.03 38.12 14.77
C GLY A 262 -19.52 36.69 14.84
N TYR A 263 -20.78 36.52 15.23
CA TYR A 263 -21.35 35.20 15.48
C TYR A 263 -21.27 34.25 14.28
N ILE A 264 -21.76 34.72 13.12
CA ILE A 264 -21.77 33.92 11.89
C ILE A 264 -20.36 33.46 11.52
N GLN A 265 -19.42 34.39 11.46
CA GLN A 265 -18.01 34.09 11.12
C GLN A 265 -17.40 33.06 12.08
N ALA A 266 -17.69 33.19 13.37
CA ALA A 266 -17.19 32.22 14.37
C ALA A 266 -17.66 30.79 14.07
N VAL A 267 -18.92 30.64 13.69
CA VAL A 267 -19.46 29.34 13.31
C VAL A 267 -18.82 28.83 12.02
N LEU A 268 -18.65 29.70 11.02
CA LEU A 268 -18.00 29.31 9.77
C LEU A 268 -16.52 28.96 9.96
N ASP A 269 -15.88 29.54 10.97
CA ASP A 269 -14.46 29.30 11.26
C ASP A 269 -14.19 27.92 11.84
N ARG A 270 -15.24 27.20 12.22
CA ARG A 270 -15.12 25.82 12.68
C ARG A 270 -14.45 24.92 11.65
N ASN A 271 -14.58 25.30 10.38
CA ASN A 271 -13.95 24.60 9.26
C ASN A 271 -12.44 24.47 9.40
N LEU A 272 -11.81 25.49 9.97
CA LEU A 272 -10.36 25.49 10.19
C LEU A 272 -9.90 24.30 11.03
N ALA A 273 -10.63 24.02 12.12
CA ALA A 273 -10.33 22.86 12.96
C ALA A 273 -10.62 21.56 12.23
N GLU A 274 -11.71 21.52 11.49
CA GLU A 274 -12.18 20.28 10.88
C GLU A 274 -11.43 19.93 9.60
N ASN A 275 -10.67 20.88 9.07
CA ASN A 275 -9.79 20.64 7.92
C ASN A 275 -8.71 19.59 8.15
N ILE A 276 -8.40 19.32 9.41
CA ILE A 276 -7.38 18.34 9.77
C ILE A 276 -7.62 16.97 9.12
N SER A 277 -8.87 16.52 9.11
CA SER A 277 -9.21 15.21 8.55
C SER A 277 -9.87 15.31 7.17
N ARG A 278 -9.67 16.43 6.47
CA ARG A 278 -10.38 16.66 5.22
C ARG A 278 -9.85 15.83 4.06
N VAL A 279 -8.52 15.74 3.92
CA VAL A 279 -7.95 15.18 2.71
C VAL A 279 -6.59 14.49 2.92
N LEU A 280 -6.43 13.34 2.26
CA LEU A 280 -5.18 12.62 2.23
C LEU A 280 -4.16 13.39 1.38
N TYR A 281 -2.97 13.59 1.93
CA TYR A 281 -1.85 14.13 1.14
C TYR A 281 -1.39 13.09 0.11
N PRO A 282 -1.42 13.47 -1.18
CA PRO A 282 -1.12 12.56 -2.28
C PRO A 282 0.34 12.58 -2.75
N ASN A 283 1.22 13.28 -2.04
CA ASN A 283 2.63 13.30 -2.38
C ASN A 283 3.34 12.10 -1.77
N ASP A 284 3.67 11.12 -2.60
CA ASP A 284 4.37 9.92 -2.14
C ASP A 284 5.82 9.87 -2.62
N ASN A 285 6.32 11.02 -3.13
CA ASN A 285 7.66 11.06 -3.69
C ASN A 285 8.65 11.90 -2.86
N PHE A 286 8.16 13.00 -2.30
CA PHE A 286 9.02 14.05 -1.79
C PHE A 286 8.40 14.59 -0.49
N PHE A 287 9.20 14.63 0.58
CA PHE A 287 8.70 15.18 1.83
C PHE A 287 8.51 16.68 1.73
N GLU A 288 7.32 17.14 2.11
CA GLU A 288 7.02 18.56 2.19
C GLU A 288 6.59 18.91 3.61
N GLY A 289 7.30 19.85 4.21
CA GLY A 289 7.03 20.27 5.59
C GLY A 289 5.85 21.21 5.69
N LYS A 290 4.65 20.66 5.48
CA LYS A 290 3.43 21.43 5.53
C LYS A 290 2.77 21.32 6.90
N GLU A 291 2.38 22.45 7.48
CA GLU A 291 1.78 22.49 8.81
C GLU A 291 0.54 21.60 8.94
N LEU A 292 -0.33 21.63 7.94
CA LEU A 292 -1.54 20.80 7.99
C LEU A 292 -1.20 19.29 8.11
N ARG A 293 -0.17 18.86 7.39
CA ARG A 293 0.29 17.47 7.47
C ARG A 293 0.83 17.14 8.88
N LEU A 294 1.56 18.08 9.48
CA LEU A 294 2.05 17.88 10.84
C LEU A 294 0.87 17.74 11.81
N LYS A 295 -0.16 18.57 11.62
CA LYS A 295 -1.35 18.50 12.46
C LYS A 295 -2.04 17.14 12.34
N GLN A 296 -2.11 16.61 11.12
CA GLN A 296 -2.69 15.29 10.88
C GLN A 296 -1.91 14.23 11.65
N GLU A 297 -0.58 14.31 11.58
CA GLU A 297 0.29 13.32 12.23
C GLU A 297 0.13 13.33 13.75
N TYR A 298 0.04 14.51 14.35
CA TYR A 298 -0.14 14.57 15.80
C TYR A 298 -1.56 14.17 16.21
N PHE A 299 -2.53 14.61 15.41
CA PHE A 299 -3.94 14.31 15.64
C PHE A 299 -4.18 12.81 15.83
N VAL A 300 -3.66 12.00 14.91
CA VAL A 300 -3.86 10.55 14.99
C VAL A 300 -3.14 9.95 16.20
N VAL A 301 -1.93 10.44 16.46
CA VAL A 301 -1.09 9.98 17.56
C VAL A 301 -1.68 10.31 18.94
N ALA A 302 -2.13 11.56 19.12
CA ALA A 302 -2.65 12.01 20.41
C ALA A 302 -3.95 11.31 20.79
N ALA A 303 -4.87 11.19 19.83
CA ALA A 303 -6.14 10.52 20.07
C ALA A 303 -5.95 9.02 20.33
N THR A 304 -5.14 8.38 19.48
CA THR A 304 -4.84 6.95 19.61
C THR A 304 -4.24 6.60 20.98
N LEU A 305 -3.24 7.36 21.42
CA LEU A 305 -2.56 7.08 22.69
C LEU A 305 -3.47 7.20 23.92
N GLN A 306 -4.43 8.12 23.88
CA GLN A 306 -5.46 8.21 24.93
C GLN A 306 -6.31 6.93 25.00
N ASP A 307 -6.71 6.43 23.83
CA ASP A 307 -7.42 5.15 23.73
C ASP A 307 -6.62 3.98 24.30
N ILE A 308 -5.36 3.90 23.90
CA ILE A 308 -4.45 2.85 24.36
C ILE A 308 -4.35 2.85 25.90
N ILE A 309 -4.12 4.03 26.46
CA ILE A 309 -3.94 4.18 27.89
C ILE A 309 -5.25 3.87 28.65
N ARG A 310 -6.38 4.40 28.15
CA ARG A 310 -7.69 4.08 28.72
C ARG A 310 -7.91 2.58 28.82
N ARG A 311 -7.69 1.89 27.69
CA ARG A 311 -7.88 0.45 27.61
C ARG A 311 -6.91 -0.31 28.53
N PHE A 312 -5.69 0.19 28.66
CA PHE A 312 -4.69 -0.38 29.58
C PHE A 312 -5.09 -0.26 31.05
N LYS A 313 -5.64 0.90 31.42
CA LYS A 313 -6.08 1.16 32.80
C LYS A 313 -7.34 0.36 33.16
N SER A 314 -8.18 0.11 32.16
CA SER A 314 -9.44 -0.63 32.36
C SER A 314 -9.22 -2.14 32.20
N SER A 315 -8.30 -2.69 32.99
CA SER A 315 -7.99 -4.11 32.94
C SER A 315 -8.81 -4.91 33.95
N THR A 325 -2.16 2.10 37.25
CA THR A 325 -1.24 2.65 38.25
C THR A 325 0.20 2.23 37.93
N ASN A 326 0.39 0.94 37.65
CA ASN A 326 1.72 0.41 37.39
C ASN A 326 2.03 0.26 35.90
N PHE A 327 2.87 1.15 35.39
CA PHE A 327 3.23 1.16 33.98
C PHE A 327 4.38 0.22 33.62
N ASP A 328 4.91 -0.50 34.61
CA ASP A 328 5.92 -1.53 34.38
C ASP A 328 5.41 -2.61 33.45
N ALA A 329 4.11 -2.89 33.53
CA ALA A 329 3.47 -3.94 32.75
C ALA A 329 2.95 -3.43 31.40
N PHE A 330 3.07 -2.12 31.16
CA PHE A 330 2.62 -1.50 29.91
C PHE A 330 3.12 -2.20 28.64
N PRO A 331 4.45 -2.44 28.52
CA PRO A 331 4.97 -3.13 27.34
C PRO A 331 4.56 -4.61 27.24
N ASP A 332 4.12 -5.20 28.34
CA ASP A 332 3.62 -6.57 28.34
C ASP A 332 2.19 -6.64 27.80
N LYS A 333 1.51 -5.51 27.79
CA LYS A 333 0.10 -5.45 27.40
C LYS A 333 -0.14 -4.60 26.14
N VAL A 334 0.90 -3.88 25.71
CA VAL A 334 0.78 -2.98 24.57
C VAL A 334 1.99 -3.07 23.63
N ALA A 335 1.71 -3.23 22.34
CA ALA A 335 2.70 -3.01 21.28
C ALA A 335 2.18 -1.94 20.33
N ILE A 336 3.04 -0.98 19.99
CA ILE A 336 2.72 0.05 18.99
C ILE A 336 3.65 -0.08 17.80
N GLN A 337 3.07 -0.37 16.63
CA GLN A 337 3.83 -0.44 15.39
C GLN A 337 3.64 0.84 14.59
N LEU A 338 4.76 1.50 14.28
CA LEU A 338 4.75 2.73 13.51
C LEU A 338 4.97 2.40 12.03
N ASN A 339 3.96 2.66 11.21
CA ASN A 339 4.05 2.48 9.76
C ASN A 339 4.76 3.69 9.16
N ASP A 340 6.10 3.56 9.02
CA ASP A 340 6.99 4.66 8.63
C ASP A 340 7.10 5.66 9.78
N THR A 341 7.70 6.83 9.51
CA THR A 341 7.90 7.85 10.54
C THR A 341 6.66 8.73 10.70
N HIS A 342 5.65 8.52 9.87
CA HIS A 342 4.49 9.42 9.87
C HIS A 342 3.79 9.53 11.24
N PRO A 343 3.70 8.42 12.00
CA PRO A 343 3.20 8.55 13.36
C PRO A 343 4.30 8.56 14.42
N SER A 344 5.52 9.00 14.04
CA SER A 344 6.68 9.01 14.94
C SER A 344 6.49 9.86 16.20
N LEU A 345 5.57 10.83 16.14
CA LEU A 345 5.27 11.66 17.31
C LEU A 345 4.69 10.86 18.48
N ALA A 346 4.30 9.61 18.23
CA ALA A 346 3.90 8.68 19.29
C ALA A 346 4.97 8.53 20.37
N ILE A 347 6.24 8.57 19.97
CA ILE A 347 7.35 8.40 20.92
C ILE A 347 7.43 9.57 21.94
N PRO A 348 7.52 10.83 21.47
CA PRO A 348 7.52 11.90 22.48
C PRO A 348 6.16 12.13 23.16
N GLU A 349 5.06 11.80 22.47
CA GLU A 349 3.73 11.89 23.09
C GLU A 349 3.57 10.88 24.24
N LEU A 350 4.01 9.65 24.04
CA LEU A 350 4.02 8.67 25.13
C LEU A 350 4.86 9.15 26.31
N MET A 351 6.04 9.70 26.01
CA MET A 351 6.90 10.28 27.04
C MET A 351 6.21 11.43 27.77
N ARG A 352 5.53 12.30 27.02
CA ARG A 352 4.79 13.43 27.58
C ARG A 352 3.74 12.98 28.57
N VAL A 353 2.90 12.02 28.16
CA VAL A 353 1.87 11.48 29.02
C VAL A 353 2.46 10.83 30.27
N LEU A 354 3.49 10.00 30.09
CA LEU A 354 4.08 9.27 31.21
C LEU A 354 4.80 10.20 32.21
N VAL A 355 5.55 11.17 31.69
CA VAL A 355 6.32 12.10 32.54
C VAL A 355 5.45 13.22 33.12
N ASP A 356 4.73 13.93 32.24
CA ASP A 356 3.95 15.12 32.63
C ASP A 356 2.63 14.81 33.33
N LEU A 357 1.95 13.75 32.90
CA LEU A 357 0.61 13.46 33.42
C LEU A 357 0.60 12.37 34.48
N GLU A 358 1.39 11.31 34.27
CA GLU A 358 1.44 10.17 35.18
C GLU A 358 2.54 10.29 36.24
N ARG A 359 3.40 11.29 36.08
CA ARG A 359 4.47 11.62 37.03
C ARG A 359 5.57 10.56 37.18
N LEU A 360 5.77 9.74 36.15
CA LEU A 360 6.86 8.78 36.13
C LEU A 360 8.18 9.51 35.94
N ASP A 361 9.26 8.95 36.48
CA ASP A 361 10.60 9.50 36.23
C ASP A 361 11.00 9.24 34.78
N TRP A 362 11.89 10.08 34.26
CA TRP A 362 12.30 10.01 32.86
C TRP A 362 12.79 8.63 32.42
N ASP A 363 13.78 8.09 33.14
CA ASP A 363 14.42 6.83 32.76
C ASP A 363 13.45 5.66 32.68
N LYS A 364 12.48 5.63 33.59
CA LYS A 364 11.47 4.58 33.62
C LYS A 364 10.48 4.73 32.47
N ALA A 365 10.01 5.95 32.23
CA ALA A 365 9.13 6.26 31.10
C ALA A 365 9.79 5.89 29.78
N TRP A 366 11.07 6.20 29.65
CA TRP A 366 11.86 5.90 28.45
C TRP A 366 11.98 4.40 28.21
N GLU A 367 12.21 3.64 29.29
CA GLU A 367 12.28 2.19 29.22
C GLU A 367 10.96 1.61 28.70
N VAL A 368 9.85 2.09 29.25
CA VAL A 368 8.52 1.67 28.83
C VAL A 368 8.27 2.01 27.34
N THR A 369 8.61 3.25 26.96
CA THR A 369 8.40 3.72 25.59
C THR A 369 9.16 2.86 24.57
N VAL A 370 10.45 2.66 24.81
CA VAL A 370 11.29 1.85 23.93
C VAL A 370 10.76 0.43 23.76
N LYS A 371 10.40 -0.21 24.87
CA LYS A 371 9.86 -1.57 24.86
C LYS A 371 8.48 -1.67 24.19
N THR A 372 7.78 -0.55 24.10
CA THR A 372 6.45 -0.51 23.49
C THR A 372 6.47 -0.31 21.97
N CYS A 373 7.38 0.55 21.50
CA CYS A 373 7.37 1.00 20.10
C CYS A 373 8.31 0.23 19.17
N ALA A 374 7.86 0.04 17.94
CA ALA A 374 8.69 -0.51 16.87
C ALA A 374 8.43 0.25 15.59
N TYR A 375 9.45 0.33 14.74
CA TYR A 375 9.41 1.20 13.57
C TYR A 375 9.74 0.46 12.28
N THR A 376 8.91 0.66 11.27
CA THR A 376 9.11 0.07 9.94
C THR A 376 9.47 1.15 8.92
N ASN A 377 10.59 0.95 8.24
CA ASN A 377 11.05 1.84 7.18
C ASN A 377 10.62 1.32 5.81
N HIS A 378 10.24 2.23 4.91
CA HIS A 378 9.73 1.86 3.60
C HIS A 378 10.52 2.41 2.39
N THR A 379 11.58 3.19 2.64
CA THR A 379 12.40 3.73 1.54
C THR A 379 13.74 4.26 2.03
N VAL A 380 14.75 4.17 1.17
CA VAL A 380 16.06 4.72 1.46
C VAL A 380 16.32 6.03 0.72
N LEU A 381 15.37 6.47 -0.09
CA LEU A 381 15.53 7.69 -0.86
C LEU A 381 15.51 8.92 0.06
N PRO A 382 16.59 9.72 0.04
CA PRO A 382 16.74 10.82 1.01
C PRO A 382 15.62 11.86 0.96
N GLU A 383 15.06 12.11 -0.22
CA GLU A 383 14.03 13.15 -0.36
C GLU A 383 12.68 12.77 0.26
N ALA A 384 12.52 11.48 0.58
CA ALA A 384 11.28 10.99 1.17
C ALA A 384 11.29 11.00 2.71
N LEU A 385 12.48 11.16 3.30
CA LEU A 385 12.60 11.15 4.76
C LEU A 385 12.02 12.41 5.39
N GLU A 386 11.28 12.21 6.48
CA GLU A 386 10.66 13.33 7.18
C GLU A 386 11.68 14.08 8.03
N ARG A 387 11.87 15.35 7.69
CA ARG A 387 12.78 16.23 8.43
C ARG A 387 12.04 17.53 8.76
N TRP A 388 11.37 17.54 9.90
CA TRP A 388 10.52 18.66 10.27
C TRP A 388 11.32 19.88 10.76
N PRO A 389 11.06 21.06 10.18
CA PRO A 389 11.67 22.30 10.67
C PRO A 389 11.35 22.50 12.14
N VAL A 390 12.38 22.83 12.92
CA VAL A 390 12.25 23.09 14.34
C VAL A 390 11.21 24.19 14.63
N HIS A 391 11.20 25.23 13.81
CA HIS A 391 10.29 26.37 14.01
C HIS A 391 8.80 25.98 13.93
N LEU A 392 8.49 24.97 13.12
CA LEU A 392 7.12 24.43 13.09
C LEU A 392 6.75 23.71 14.37
N LEU A 393 7.64 22.85 14.85
CA LEU A 393 7.41 22.10 16.08
C LEU A 393 7.36 23.01 17.29
N GLU A 394 8.19 24.05 17.27
CA GLU A 394 8.23 25.05 18.33
C GLU A 394 6.89 25.75 18.52
N THR A 395 6.25 26.10 17.41
CA THR A 395 4.97 26.80 17.42
C THR A 395 3.81 25.85 17.71
N LEU A 396 3.80 24.70 17.02
CA LEU A 396 2.66 23.79 17.10
C LEU A 396 2.70 22.89 18.33
N LEU A 397 3.89 22.37 18.66
CA LEU A 397 4.03 21.36 19.72
C LEU A 397 5.22 21.65 20.62
N PRO A 398 5.16 22.79 21.37
CA PRO A 398 6.33 23.24 22.15
C PRO A 398 6.86 22.23 23.15
N ARG A 399 5.98 21.48 23.81
CA ARG A 399 6.39 20.48 24.79
C ARG A 399 7.10 19.29 24.13
N HIS A 400 6.59 18.86 22.97
CA HIS A 400 7.20 17.75 22.25
C HIS A 400 8.62 18.07 21.77
N LEU A 401 8.84 19.31 21.36
CA LEU A 401 10.19 19.75 20.97
C LEU A 401 11.16 19.66 22.16
N GLN A 402 10.73 20.12 23.33
CA GLN A 402 11.56 20.01 24.54
C GLN A 402 11.92 18.57 24.84
N ILE A 403 10.94 17.67 24.69
CA ILE A 403 11.13 16.25 24.95
C ILE A 403 12.09 15.63 23.94
N ILE A 404 11.96 16.01 22.68
CA ILE A 404 12.86 15.56 21.61
C ILE A 404 14.31 15.98 21.89
N TYR A 405 14.50 17.23 22.31
CA TYR A 405 15.83 17.74 22.65
C TYR A 405 16.48 16.91 23.75
N GLU A 406 15.68 16.58 24.77
CA GLU A 406 16.11 15.77 25.91
C GLU A 406 16.42 14.33 25.51
N ILE A 407 15.58 13.76 24.64
CA ILE A 407 15.86 12.44 24.07
C ILE A 407 17.21 12.48 23.35
N ASN A 408 17.42 13.53 22.57
CA ASN A 408 18.64 13.67 21.77
C ASN A 408 19.90 13.77 22.63
N GLN A 409 19.83 14.58 23.68
CA GLN A 409 20.99 14.79 24.56
C GLN A 409 21.39 13.47 25.23
N ARG A 410 20.42 12.75 25.77
CA ARG A 410 20.67 11.47 26.41
C ARG A 410 21.17 10.41 25.45
N PHE A 411 20.63 10.41 24.22
CA PHE A 411 21.06 9.46 23.19
C PHE A 411 22.50 9.74 22.76
N LEU A 412 22.83 11.00 22.54
CA LEU A 412 24.17 11.39 22.12
C LEU A 412 25.21 11.16 23.22
N ASN A 413 24.79 11.23 24.48
CA ASN A 413 25.67 10.87 25.61
C ASN A 413 26.04 9.39 25.55
N ARG A 414 25.09 8.54 25.16
CA ARG A 414 25.35 7.12 24.97
C ARG A 414 26.30 6.84 23.81
N VAL A 415 26.15 7.58 22.73
CA VAL A 415 27.01 7.43 21.55
C VAL A 415 28.45 7.84 21.90
N ALA A 416 28.60 8.97 22.58
CA ALA A 416 29.89 9.47 23.02
C ALA A 416 30.63 8.49 23.92
N ALA A 417 29.89 7.81 24.81
CA ALA A 417 30.46 6.81 25.69
C ALA A 417 30.88 5.54 24.94
N ALA A 418 30.13 5.21 23.89
CA ALA A 418 30.40 4.02 23.08
C ALA A 418 31.51 4.24 22.05
N PHE A 419 31.59 5.46 21.54
CA PHE A 419 32.56 5.80 20.50
C PHE A 419 33.30 7.09 20.89
N PRO A 420 34.13 7.03 21.94
CA PRO A 420 34.74 8.25 22.49
C PRO A 420 35.62 8.95 21.48
N GLY A 421 35.44 10.26 21.33
CA GLY A 421 36.24 11.07 20.42
C GLY A 421 35.75 11.13 19.00
N ASP A 422 34.76 10.30 18.65
CA ASP A 422 34.20 10.28 17.30
C ASP A 422 33.18 11.40 17.14
N VAL A 423 33.67 12.62 16.93
CA VAL A 423 32.82 13.80 16.86
C VAL A 423 31.91 13.83 15.63
N ASP A 424 32.38 13.31 14.50
CA ASP A 424 31.56 13.29 13.30
C ASP A 424 30.37 12.34 13.44
N ARG A 425 30.57 11.23 14.15
CA ARG A 425 29.49 10.29 14.42
C ARG A 425 28.36 10.99 15.19
N LEU A 426 28.74 11.81 16.17
CA LEU A 426 27.78 12.57 16.97
C LEU A 426 26.87 13.45 16.11
N ARG A 427 27.44 14.18 15.15
CA ARG A 427 26.62 15.02 14.30
C ARG A 427 25.80 14.22 13.27
N ARG A 428 26.34 13.08 12.82
CA ARG A 428 25.63 12.19 11.90
C ARG A 428 24.42 11.52 12.56
N MET A 429 24.53 11.18 13.84
CA MET A 429 23.50 10.42 14.55
C MET A 429 22.48 11.29 15.26
N SER A 430 22.78 12.59 15.37
CA SER A 430 21.91 13.53 16.08
C SER A 430 20.49 13.53 15.50
N LEU A 431 19.49 13.67 16.38
CA LEU A 431 18.11 13.80 15.93
C LEU A 431 17.90 15.20 15.37
N VAL A 432 18.74 16.14 15.81
CA VAL A 432 18.70 17.52 15.32
C VAL A 432 19.71 17.69 14.19
N GLU A 433 19.22 18.09 13.02
CA GLU A 433 20.09 18.41 11.89
C GLU A 433 20.39 19.91 11.84
N GLU A 434 21.67 20.23 11.77
CA GLU A 434 22.12 21.62 11.66
C GLU A 434 22.09 22.10 10.21
N GLY A 435 22.03 23.41 10.03
CA GLY A 435 22.02 24.00 8.70
C GLY A 435 21.34 25.37 8.69
N ALA A 436 20.93 25.81 7.51
CA ALA A 436 20.20 27.07 7.35
C ALA A 436 18.93 27.06 8.20
N VAL A 437 18.14 25.99 8.07
CA VAL A 437 17.03 25.72 8.97
C VAL A 437 17.34 24.46 9.77
N LYS A 438 17.19 24.53 11.09
CA LYS A 438 17.33 23.35 11.94
C LYS A 438 16.12 22.44 11.70
N ARG A 439 16.37 21.14 11.60
CA ARG A 439 15.32 20.14 11.39
C ARG A 439 15.47 18.99 12.37
N ILE A 440 14.36 18.31 12.63
CA ILE A 440 14.38 17.06 13.39
C ILE A 440 14.28 15.89 12.41
N ASN A 441 15.24 14.97 12.47
CA ASN A 441 15.18 13.76 11.65
C ASN A 441 14.27 12.73 12.35
N MET A 442 13.09 12.51 11.78
CA MET A 442 12.09 11.64 12.43
C MET A 442 12.51 10.16 12.42
N ALA A 443 13.31 9.77 11.43
CA ALA A 443 13.85 8.42 11.36
C ALA A 443 14.81 8.14 12.51
N HIS A 444 15.67 9.11 12.82
CA HIS A 444 16.61 8.99 13.94
C HIS A 444 15.85 8.93 15.26
N LEU A 445 14.78 9.71 15.35
CA LEU A 445 13.90 9.67 16.52
C LEU A 445 13.30 8.28 16.70
N CYS A 446 12.83 7.69 15.59
CA CYS A 446 12.19 6.37 15.62
C CYS A 446 13.14 5.26 16.06
N ILE A 447 14.38 5.30 15.57
CA ILE A 447 15.38 4.31 15.93
C ILE A 447 15.72 4.41 17.41
N ALA A 448 15.99 5.63 17.87
CA ALA A 448 16.30 5.87 19.28
C ALA A 448 15.20 5.37 20.22
N GLY A 449 13.95 5.59 19.84
CA GLY A 449 12.81 5.28 20.70
C GLY A 449 12.07 3.98 20.48
N SER A 450 12.63 3.08 19.67
CA SER A 450 12.02 1.77 19.37
C SER A 450 12.94 0.61 19.73
N HIS A 451 12.37 -0.50 20.18
CA HIS A 451 13.16 -1.71 20.46
C HIS A 451 13.44 -2.53 19.20
N ALA A 452 12.72 -2.23 18.12
CA ALA A 452 12.89 -2.93 16.85
C ALA A 452 12.72 -1.99 15.67
N VAL A 453 13.60 -2.15 14.69
CA VAL A 453 13.56 -1.39 13.44
C VAL A 453 13.66 -2.41 12.32
N ASN A 454 12.70 -2.38 11.40
CA ASN A 454 12.74 -3.34 10.30
C ASN A 454 12.61 -2.72 8.92
N GLY A 455 13.31 -3.35 7.98
CA GLY A 455 13.07 -3.11 6.56
C GLY A 455 12.06 -4.14 6.06
N VAL A 456 11.69 -4.02 4.80
CA VAL A 456 10.51 -4.72 4.27
C VAL A 456 10.83 -5.77 3.21
N ALA A 457 12.13 -6.03 3.02
CA ALA A 457 12.62 -7.11 2.17
C ALA A 457 14.10 -7.30 2.51
N ARG A 458 14.61 -8.52 2.33
CA ARG A 458 15.95 -8.86 2.83
C ARG A 458 17.02 -7.87 2.33
N ILE A 459 17.00 -7.57 1.03
CA ILE A 459 18.01 -6.66 0.46
C ILE A 459 17.88 -5.24 1.03
N HIS A 460 16.66 -4.81 1.26
CA HIS A 460 16.36 -3.48 1.80
C HIS A 460 16.87 -3.38 3.24
N SER A 461 16.57 -4.39 4.05
CA SER A 461 17.05 -4.41 5.44
C SER A 461 18.57 -4.43 5.53
N GLU A 462 19.22 -5.11 4.60
CA GLU A 462 20.69 -5.11 4.52
C GLU A 462 21.23 -3.74 4.14
N ILE A 463 20.59 -3.08 3.17
CA ILE A 463 20.96 -1.73 2.76
C ILE A 463 20.86 -0.72 3.91
N LEU A 464 19.82 -0.86 4.74
CA LEU A 464 19.66 -0.04 5.94
C LEU A 464 20.86 -0.14 6.87
N LYS A 465 21.33 -1.38 7.10
CA LYS A 465 22.44 -1.64 8.03
C LYS A 465 23.80 -1.22 7.48
N LYS A 466 23.91 -1.20 6.15
CA LYS A 466 25.17 -0.89 5.49
C LYS A 466 25.30 0.58 5.12
N THR A 467 24.18 1.27 4.93
CA THR A 467 24.22 2.64 4.43
C THR A 467 23.58 3.67 5.37
N ILE A 468 22.30 3.99 5.18
CA ILE A 468 21.70 5.14 5.87
C ILE A 468 21.60 5.05 7.38
N PHE A 469 21.50 3.84 7.92
CA PHE A 469 21.43 3.64 9.38
C PHE A 469 22.63 2.84 9.94
N LYS A 470 23.74 2.84 9.19
CA LYS A 470 24.96 2.13 9.60
C LYS A 470 25.42 2.48 11.03
N ASP A 471 25.44 3.77 11.36
CA ASP A 471 25.89 4.24 12.68
C ASP A 471 25.03 3.68 13.81
N PHE A 472 23.72 3.65 13.58
CA PHE A 472 22.75 3.13 14.55
C PHE A 472 22.86 1.61 14.71
N TYR A 473 23.13 0.92 13.61
CA TYR A 473 23.34 -0.52 13.63
C TYR A 473 24.60 -0.88 14.44
N GLU A 474 25.65 -0.09 14.29
CA GLU A 474 26.89 -0.30 15.04
C GLU A 474 26.69 -0.07 16.54
N LEU A 475 25.86 0.91 16.89
CA LEU A 475 25.53 1.16 18.29
C LEU A 475 24.61 0.10 18.90
N GLU A 476 23.55 -0.28 18.17
CA GLU A 476 22.56 -1.23 18.68
C GLU A 476 22.15 -2.25 17.62
N PRO A 477 23.02 -3.24 17.35
CA PRO A 477 22.77 -4.21 16.28
C PRO A 477 21.49 -5.03 16.47
N HIS A 478 21.15 -5.31 17.72
CA HIS A 478 19.99 -6.13 18.09
C HIS A 478 18.62 -5.54 17.67
N LYS A 479 18.57 -4.23 17.49
CA LYS A 479 17.34 -3.55 17.08
C LYS A 479 16.94 -3.84 15.64
N PHE A 480 17.91 -4.13 14.79
CA PHE A 480 17.68 -4.21 13.36
C PHE A 480 17.23 -5.58 12.87
N GLN A 481 16.08 -5.60 12.20
CA GLN A 481 15.47 -6.83 11.72
C GLN A 481 15.00 -6.70 10.28
N ASN A 482 14.68 -7.83 9.67
CA ASN A 482 13.97 -7.87 8.41
C ASN A 482 12.59 -8.49 8.59
N LYS A 483 11.59 -7.91 7.93
CA LYS A 483 10.27 -8.51 7.80
C LYS A 483 9.83 -8.34 6.35
N THR A 484 10.10 -9.34 5.52
CA THR A 484 9.74 -9.26 4.11
C THR A 484 8.22 -9.12 4.00
N ASN A 485 7.79 -8.18 3.16
CA ASN A 485 6.38 -7.88 2.93
C ASN A 485 5.61 -9.09 2.41
N GLY A 486 4.29 -8.99 2.49
CA GLY A 486 3.39 -9.99 1.93
C GLY A 486 2.08 -9.35 1.53
N ILE A 487 1.21 -10.14 0.91
CA ILE A 487 -0.13 -9.72 0.52
C ILE A 487 -1.13 -10.77 1.02
N THR A 488 -2.36 -10.35 1.27
CA THR A 488 -3.37 -11.31 1.71
C THR A 488 -3.89 -12.15 0.55
N PRO A 489 -3.83 -13.49 0.69
CA PRO A 489 -4.34 -14.36 -0.37
C PRO A 489 -5.86 -14.39 -0.45
N ARG A 490 -6.56 -13.79 0.51
CA ARG A 490 -8.01 -13.65 0.44
C ARG A 490 -8.39 -12.67 -0.66
N ARG A 491 -8.03 -11.40 -0.49
CA ARG A 491 -8.31 -10.41 -1.53
C ARG A 491 -7.58 -10.71 -2.85
N TRP A 492 -6.32 -11.11 -2.75
CA TRP A 492 -5.45 -11.15 -3.93
C TRP A 492 -5.39 -12.48 -4.66
N LEU A 493 -6.26 -13.41 -4.27
CA LEU A 493 -6.46 -14.64 -5.04
C LEU A 493 -7.94 -15.04 -5.07
N VAL A 494 -8.50 -15.36 -3.91
CA VAL A 494 -9.87 -15.88 -3.80
C VAL A 494 -10.91 -14.87 -4.32
N LEU A 495 -10.80 -13.63 -3.88
CA LEU A 495 -11.71 -12.58 -4.27
C LEU A 495 -11.55 -12.18 -5.76
N CYS A 496 -10.33 -11.88 -6.17
CA CYS A 496 -10.11 -11.33 -7.50
C CYS A 496 -9.94 -12.37 -8.60
N ASN A 497 -9.60 -13.60 -8.23
CA ASN A 497 -9.35 -14.66 -9.20
C ASN A 497 -9.98 -15.99 -8.74
N PRO A 498 -11.33 -16.04 -8.66
CA PRO A 498 -11.99 -17.24 -8.15
C PRO A 498 -11.76 -18.48 -9.02
N GLY A 499 -11.64 -18.27 -10.34
CA GLY A 499 -11.36 -19.34 -11.29
C GLY A 499 -10.08 -20.10 -11.00
N LEU A 500 -9.02 -19.35 -10.65
CA LEU A 500 -7.73 -19.95 -10.30
C LEU A 500 -7.79 -20.60 -8.92
N ALA A 501 -8.42 -19.92 -7.97
CA ALA A 501 -8.60 -20.48 -6.62
C ALA A 501 -9.29 -21.84 -6.68
N GLU A 502 -10.29 -21.95 -7.56
CA GLU A 502 -11.09 -23.16 -7.70
C GLU A 502 -10.31 -24.33 -8.31
N ILE A 503 -9.59 -24.10 -9.40
CA ILE A 503 -8.79 -25.17 -10.02
C ILE A 503 -7.67 -25.65 -9.10
N ILE A 504 -7.15 -24.74 -8.27
CA ILE A 504 -6.17 -25.12 -7.24
C ILE A 504 -6.84 -25.96 -6.16
N ALA A 505 -8.02 -25.53 -5.71
CA ALA A 505 -8.75 -26.24 -4.65
C ALA A 505 -9.16 -27.65 -5.06
N GLU A 506 -9.50 -27.82 -6.34
CA GLU A 506 -9.85 -29.14 -6.89
C GLU A 506 -8.74 -30.16 -6.69
N ARG A 507 -7.49 -29.70 -6.74
CA ARG A 507 -6.33 -30.58 -6.62
C ARG A 507 -5.88 -30.77 -5.17
N ILE A 508 -5.78 -29.68 -4.41
CA ILE A 508 -5.14 -29.73 -3.09
C ILE A 508 -6.03 -29.33 -1.91
N GLY A 509 -7.31 -29.08 -2.16
CA GLY A 509 -8.23 -28.68 -1.10
C GLY A 509 -8.20 -27.18 -0.83
N GLU A 510 -8.84 -26.78 0.26
CA GLU A 510 -9.11 -25.36 0.56
C GLU A 510 -8.20 -24.74 1.61
N GLU A 511 -7.41 -25.56 2.29
CA GLU A 511 -6.58 -25.12 3.42
C GLU A 511 -5.49 -24.10 3.06
N TYR A 512 -5.10 -24.05 1.80
CA TYR A 512 -4.04 -23.15 1.35
C TYR A 512 -4.42 -21.69 1.50
N ILE A 513 -5.72 -21.40 1.51
CA ILE A 513 -6.22 -20.03 1.62
C ILE A 513 -5.75 -19.33 2.90
N SER A 514 -5.61 -20.10 3.97
CA SER A 514 -5.06 -19.57 5.23
C SER A 514 -3.71 -20.21 5.60
N ASP A 515 -3.11 -20.90 4.63
CA ASP A 515 -1.78 -21.52 4.79
C ASP A 515 -1.17 -21.65 3.41
N LEU A 516 -0.75 -20.51 2.85
CA LEU A 516 -0.36 -20.42 1.45
C LEU A 516 0.85 -21.28 1.05
N ASP A 517 1.65 -21.68 2.04
CA ASP A 517 2.78 -22.58 1.80
C ASP A 517 2.36 -23.89 1.15
N GLN A 518 1.11 -24.29 1.35
CA GLN A 518 0.56 -25.51 0.75
C GLN A 518 0.54 -25.48 -0.78
N LEU A 519 0.65 -24.29 -1.37
CA LEU A 519 0.74 -24.16 -2.83
C LEU A 519 1.93 -24.94 -3.42
N ARG A 520 2.94 -25.20 -2.59
CA ARG A 520 4.09 -26.03 -2.98
C ARG A 520 3.67 -27.40 -3.53
N LYS A 521 2.57 -27.92 -3.02
CA LYS A 521 2.00 -29.19 -3.49
C LYS A 521 1.69 -29.18 -4.99
N LEU A 522 1.50 -27.99 -5.56
CA LEU A 522 1.21 -27.87 -6.99
C LEU A 522 2.40 -28.18 -7.90
N LEU A 523 3.60 -28.29 -7.34
CA LEU A 523 4.77 -28.66 -8.13
C LEU A 523 4.65 -30.08 -8.71
N SER A 524 3.92 -30.95 -8.01
CA SER A 524 3.67 -32.31 -8.52
C SER A 524 2.65 -32.34 -9.67
N TYR A 525 2.20 -31.17 -10.10
CA TYR A 525 1.24 -31.05 -11.21
C TYR A 525 1.82 -30.32 -12.42
N VAL A 526 3.12 -30.02 -12.37
CA VAL A 526 3.81 -29.26 -13.42
C VAL A 526 3.83 -30.00 -14.78
N ASP A 527 3.72 -31.34 -14.73
CA ASP A 527 3.66 -32.16 -15.95
C ASP A 527 2.28 -32.76 -16.19
N ASP A 528 1.30 -32.32 -15.39
CA ASP A 528 -0.08 -32.79 -15.47
C ASP A 528 -0.79 -32.03 -16.59
N GLU A 529 -1.21 -32.77 -17.62
CA GLU A 529 -1.77 -32.16 -18.83
C GLU A 529 -3.11 -31.46 -18.59
N ALA A 530 -3.92 -32.02 -17.71
CA ALA A 530 -5.21 -31.44 -17.36
C ALA A 530 -5.02 -30.10 -16.65
N PHE A 531 -4.12 -30.08 -15.67
CA PHE A 531 -3.83 -28.87 -14.89
C PHE A 531 -3.21 -27.75 -15.72
N ILE A 532 -2.24 -28.11 -16.58
CA ILE A 532 -1.65 -27.16 -17.54
C ILE A 532 -2.75 -26.48 -18.36
N ARG A 533 -3.66 -27.28 -18.90
CA ARG A 533 -4.78 -26.77 -19.70
C ARG A 533 -5.71 -25.88 -18.87
N ASP A 534 -5.99 -26.29 -17.64
CA ASP A 534 -6.85 -25.51 -16.73
C ASP A 534 -6.25 -24.16 -16.34
N VAL A 535 -4.96 -24.15 -16.01
CA VAL A 535 -4.25 -22.90 -15.68
C VAL A 535 -4.32 -21.92 -16.86
N ALA A 536 -4.02 -22.42 -18.06
CA ALA A 536 -4.06 -21.61 -19.27
C ALA A 536 -5.47 -21.11 -19.63
N LYS A 537 -6.47 -21.95 -19.36
CA LYS A 537 -7.86 -21.60 -19.61
C LYS A 537 -8.33 -20.44 -18.69
N VAL A 538 -7.98 -20.55 -17.41
CA VAL A 538 -8.33 -19.51 -16.43
C VAL A 538 -7.74 -18.16 -16.82
N LYS A 539 -6.48 -18.16 -17.23
CA LYS A 539 -5.82 -16.94 -17.71
C LYS A 539 -6.54 -16.34 -18.92
N GLN A 540 -6.86 -17.20 -19.90
CA GLN A 540 -7.57 -16.74 -21.11
C GLN A 540 -8.92 -16.11 -20.80
N GLU A 541 -9.68 -16.75 -19.92
CA GLU A 541 -10.97 -16.21 -19.46
C GLU A 541 -10.81 -14.86 -18.77
N ASN A 542 -9.78 -14.73 -17.94
CA ASN A 542 -9.50 -13.47 -17.24
C ASN A 542 -9.16 -12.36 -18.23
N LYS A 543 -8.38 -12.70 -19.25
CA LYS A 543 -8.00 -11.77 -20.31
C LYS A 543 -9.19 -11.36 -21.18
N LEU A 544 -10.08 -12.30 -21.45
CA LEU A 544 -11.32 -12.02 -22.18
C LEU A 544 -12.22 -11.08 -21.39
N LYS A 545 -12.38 -11.36 -20.10
CA LYS A 545 -13.19 -10.53 -19.21
C LYS A 545 -12.66 -9.09 -19.12
N PHE A 546 -11.34 -8.94 -19.05
CA PHE A 546 -10.73 -7.62 -18.94
C PHE A 546 -10.75 -6.86 -20.26
N ALA A 547 -10.62 -7.58 -21.38
CA ALA A 547 -10.75 -7.00 -22.71
C ALA A 547 -12.14 -6.44 -22.97
N ALA A 548 -13.15 -7.13 -22.43
CA ALA A 548 -14.54 -6.70 -22.53
C ALA A 548 -14.81 -5.48 -21.64
N TYR A 549 -14.17 -5.47 -20.47
CA TYR A 549 -14.27 -4.35 -19.53
C TYR A 549 -13.74 -3.05 -20.14
N LEU A 550 -12.62 -3.16 -20.87
CA LEU A 550 -11.99 -2.02 -21.51
C LEU A 550 -12.86 -1.37 -22.59
N GLU A 551 -13.61 -2.19 -23.32
CA GLU A 551 -14.52 -1.69 -24.36
C GLU A 551 -15.77 -1.05 -23.75
N ARG A 552 -16.38 -1.72 -22.78
CA ARG A 552 -17.62 -1.26 -22.15
C ARG A 552 -17.48 0.03 -21.37
N GLU A 553 -16.41 0.16 -20.57
CA GLU A 553 -16.19 1.31 -19.71
C GLU A 553 -15.26 2.40 -20.27
N TYR A 554 -14.46 2.06 -21.28
CA TYR A 554 -13.49 3.01 -21.83
C TYR A 554 -13.42 3.06 -23.36
N LYS A 555 -14.22 2.24 -24.03
CA LYS A 555 -14.34 2.22 -25.51
C LYS A 555 -13.02 2.07 -26.27
N VAL A 556 -12.19 1.14 -25.80
CA VAL A 556 -10.92 0.84 -26.48
C VAL A 556 -10.80 -0.65 -26.80
N HIS A 557 -10.37 -0.96 -28.03
CA HIS A 557 -10.30 -2.35 -28.48
C HIS A 557 -8.91 -2.96 -28.37
N ILE A 558 -8.83 -4.16 -27.82
CA ILE A 558 -7.57 -4.90 -27.72
C ILE A 558 -7.69 -6.35 -28.20
N ASN A 559 -6.58 -6.90 -28.66
CA ASN A 559 -6.49 -8.31 -29.04
C ASN A 559 -6.24 -9.17 -27.80
N PRO A 560 -7.21 -10.04 -27.44
CA PRO A 560 -7.10 -10.88 -26.24
C PRO A 560 -6.11 -12.04 -26.40
N ASN A 561 -5.60 -12.20 -27.62
CA ASN A 561 -4.60 -13.25 -27.90
C ASN A 561 -3.17 -12.78 -27.73
N SER A 562 -2.99 -11.47 -27.61
CA SER A 562 -1.68 -10.87 -27.41
C SER A 562 -1.18 -11.11 -25.99
N LEU A 563 0.13 -10.93 -25.80
CA LEU A 563 0.74 -11.00 -24.48
C LEU A 563 0.37 -9.73 -23.72
N PHE A 564 -0.24 -9.90 -22.55
CA PHE A 564 -0.64 -8.75 -21.72
C PHE A 564 0.55 -8.31 -20.85
N ASP A 565 1.19 -7.24 -21.29
CA ASP A 565 2.42 -6.72 -20.70
C ASP A 565 2.04 -5.55 -19.81
N VAL A 566 2.12 -5.74 -18.49
CA VAL A 566 1.51 -4.81 -17.53
C VAL A 566 2.50 -4.20 -16.53
N GLN A 567 2.48 -2.87 -16.44
CA GLN A 567 3.18 -2.15 -15.37
C GLN A 567 2.22 -1.19 -14.67
N VAL A 568 1.75 -1.58 -13.50
CA VAL A 568 0.83 -0.76 -12.72
C VAL A 568 1.40 -0.49 -11.33
N LYS A 569 1.49 0.79 -10.98
CA LYS A 569 2.09 1.27 -9.74
C LYS A 569 2.13 2.79 -9.87
N ARG A 570 2.34 3.48 -8.76
CA ARG A 570 2.46 4.93 -8.80
C ARG A 570 3.61 5.35 -9.75
N ILE A 571 3.46 6.51 -10.39
CA ILE A 571 4.46 7.00 -11.33
C ILE A 571 5.60 7.65 -10.55
N HIS A 572 6.78 7.02 -10.62
CA HIS A 572 8.00 7.53 -9.99
C HIS A 572 9.17 7.30 -10.94
N GLU A 573 10.13 8.21 -10.90
CA GLU A 573 11.35 8.02 -11.70
C GLU A 573 12.07 6.72 -11.33
N TYR A 574 12.16 6.42 -10.04
CA TYR A 574 12.87 5.21 -9.60
C TYR A 574 12.21 3.92 -10.10
N LYS A 575 10.90 3.95 -10.30
CA LYS A 575 10.17 2.77 -10.78
C LYS A 575 10.37 2.55 -12.28
N ARG A 576 10.88 3.57 -12.95
CA ARG A 576 11.36 3.50 -14.34
C ARG A 576 10.32 3.05 -15.38
N GLN A 577 9.11 3.63 -15.28
CA GLN A 577 8.13 3.54 -16.36
C GLN A 577 8.76 4.03 -17.67
N LEU A 578 9.73 4.94 -17.56
CA LEU A 578 10.47 5.45 -18.72
C LEU A 578 11.27 4.38 -19.46
N LEU A 579 11.84 3.43 -18.73
CA LEU A 579 12.56 2.32 -19.34
C LEU A 579 11.59 1.45 -20.16
N ASN A 580 10.41 1.21 -19.61
CA ASN A 580 9.33 0.51 -20.31
C ASN A 580 8.98 1.25 -21.60
N CYS A 581 8.80 2.57 -21.50
CA CYS A 581 8.54 3.42 -22.66
C CYS A 581 9.58 3.24 -23.77
N LEU A 582 10.86 3.15 -23.38
CA LEU A 582 11.95 2.98 -24.33
C LEU A 582 11.85 1.65 -25.08
N HIS A 583 11.48 0.59 -24.35
CA HIS A 583 11.27 -0.71 -24.98
C HIS A 583 10.11 -0.69 -25.97
N VAL A 584 9.01 -0.06 -25.58
CA VAL A 584 7.83 0.06 -26.44
C VAL A 584 8.18 0.71 -27.78
N ILE A 585 8.90 1.84 -27.71
CA ILE A 585 9.35 2.54 -28.92
C ILE A 585 10.32 1.70 -29.76
N THR A 586 11.18 0.93 -29.09
CA THR A 586 12.08 0.00 -29.76
C THR A 586 11.31 -1.03 -30.60
N LEU A 587 10.27 -1.64 -30.01
CA LEU A 587 9.43 -2.61 -30.71
C LEU A 587 8.74 -1.97 -31.91
N TYR A 588 8.17 -0.78 -31.69
CA TYR A 588 7.55 -0.01 -32.76
C TYR A 588 8.53 0.26 -33.91
N ASN A 589 9.72 0.76 -33.58
CA ASN A 589 10.74 1.07 -34.60
C ASN A 589 11.21 -0.18 -35.35
N ARG A 590 11.34 -1.29 -34.64
CA ARG A 590 11.68 -2.58 -35.27
C ARG A 590 10.61 -3.07 -36.24
N ILE A 591 9.34 -2.90 -35.86
CA ILE A 591 8.21 -3.24 -36.74
C ILE A 591 8.22 -2.37 -38.00
N LYS A 592 8.38 -1.05 -37.82
CA LYS A 592 8.46 -0.13 -38.96
C LYS A 592 9.63 -0.43 -39.89
N LYS A 593 10.71 -0.97 -39.33
CA LYS A 593 11.89 -1.32 -40.11
C LYS A 593 11.69 -2.60 -40.93
N GLU A 594 11.05 -3.59 -40.31
CA GLU A 594 10.76 -4.87 -40.97
C GLU A 594 9.31 -5.27 -40.74
N PRO A 595 8.38 -4.63 -41.48
CA PRO A 595 6.94 -4.76 -41.24
C PRO A 595 6.38 -6.17 -41.49
N ASN A 596 7.01 -6.90 -42.40
CA ASN A 596 6.49 -8.21 -42.81
C ASN A 596 7.11 -9.39 -42.08
N LYS A 597 7.84 -9.08 -41.00
CA LYS A 597 8.44 -10.07 -40.14
C LYS A 597 7.50 -10.36 -38.97
N PHE A 598 7.49 -11.60 -38.49
CA PHE A 598 6.61 -11.97 -37.38
C PHE A 598 7.18 -11.53 -36.03
N VAL A 599 6.31 -10.91 -35.24
CA VAL A 599 6.60 -10.60 -33.84
C VAL A 599 5.43 -11.06 -32.96
N VAL A 600 5.74 -11.49 -31.74
CA VAL A 600 4.71 -11.85 -30.77
C VAL A 600 3.88 -10.61 -30.45
N PRO A 601 2.56 -10.65 -30.73
CA PRO A 601 1.69 -9.50 -30.47
C PRO A 601 1.66 -9.17 -28.98
N ARG A 602 1.66 -7.88 -28.66
CA ARG A 602 1.64 -7.42 -27.29
C ARG A 602 0.61 -6.33 -27.06
N THR A 603 -0.03 -6.40 -25.90
CA THR A 603 -0.79 -5.29 -25.38
C THR A 603 -0.02 -4.77 -24.18
N VAL A 604 0.57 -3.59 -24.33
CA VAL A 604 1.34 -2.98 -23.27
C VAL A 604 0.47 -2.02 -22.49
N MET A 605 0.23 -2.36 -21.23
CA MET A 605 -0.61 -1.57 -20.36
C MET A 605 0.22 -0.95 -19.23
N ILE A 606 0.18 0.37 -19.16
CA ILE A 606 0.84 1.09 -18.07
C ILE A 606 -0.21 1.93 -17.36
N GLY A 607 -0.25 1.84 -16.04
CA GLY A 607 -1.19 2.64 -15.27
C GLY A 607 -0.62 3.07 -13.93
N GLY A 608 -1.18 4.14 -13.37
CA GLY A 608 -0.75 4.64 -12.08
C GLY A 608 -0.90 6.15 -11.97
N LYS A 609 -1.05 6.61 -10.74
CA LYS A 609 -1.23 8.03 -10.46
C LYS A 609 0.10 8.72 -10.19
N ALA A 610 0.18 9.98 -10.58
CA ALA A 610 1.33 10.82 -10.27
C ALA A 610 0.96 11.79 -9.15
N ALA A 611 1.87 11.99 -8.21
CA ALA A 611 1.68 13.02 -7.19
C ALA A 611 1.49 14.37 -7.93
N PRO A 612 0.48 15.15 -7.52
CA PRO A 612 0.10 16.38 -8.23
C PRO A 612 1.22 17.40 -8.47
N GLY A 613 2.21 17.47 -7.58
CA GLY A 613 3.32 18.42 -7.74
C GLY A 613 4.60 17.84 -8.34
N TYR A 614 4.52 16.60 -8.82
CA TYR A 614 5.67 15.88 -9.36
C TYR A 614 5.68 16.07 -10.87
N HIS A 615 6.36 17.13 -11.32
CA HIS A 615 6.33 17.52 -12.72
C HIS A 615 6.79 16.41 -13.68
N MET A 616 7.93 15.80 -13.38
CA MET A 616 8.49 14.75 -14.25
C MET A 616 7.53 13.56 -14.41
N ALA A 617 6.88 13.16 -13.32
CA ALA A 617 5.89 12.07 -13.34
C ALA A 617 4.70 12.41 -14.22
N LYS A 618 4.26 13.67 -14.17
CA LYS A 618 3.18 14.11 -15.05
C LYS A 618 3.61 14.10 -16.53
N MET A 619 4.88 14.42 -16.77
CA MET A 619 5.43 14.37 -18.13
C MET A 619 5.50 12.93 -18.66
N ILE A 620 5.84 11.99 -17.78
CA ILE A 620 5.89 10.56 -18.13
C ILE A 620 4.53 10.03 -18.55
N ILE A 621 3.47 10.42 -17.83
CA ILE A 621 2.11 10.06 -18.21
C ILE A 621 1.78 10.58 -19.60
N LYS A 622 2.09 11.85 -19.85
CA LYS A 622 1.88 12.46 -21.17
C LYS A 622 2.65 11.72 -22.26
N LEU A 623 3.88 11.32 -21.98
CA LEU A 623 4.68 10.55 -22.92
C LEU A 623 4.02 9.21 -23.29
N ILE A 624 3.53 8.49 -22.27
CA ILE A 624 2.89 7.19 -22.49
C ILE A 624 1.68 7.31 -23.42
N THR A 625 0.83 8.29 -23.16
CA THR A 625 -0.35 8.52 -23.99
C THR A 625 0.05 8.96 -25.39
N ALA A 626 1.11 9.77 -25.49
CA ALA A 626 1.63 10.27 -26.77
C ALA A 626 2.17 9.14 -27.65
N ILE A 627 2.88 8.20 -27.03
CA ILE A 627 3.35 6.99 -27.71
C ILE A 627 2.16 6.20 -28.21
N GLY A 628 1.16 6.00 -27.34
CA GLY A 628 -0.09 5.32 -27.70
C GLY A 628 -0.78 5.93 -28.90
N ASP A 629 -0.82 7.26 -28.95
CA ASP A 629 -1.46 7.99 -30.05
C ASP A 629 -0.83 7.72 -31.42
N VAL A 630 0.48 7.52 -31.44
CA VAL A 630 1.20 7.19 -32.66
C VAL A 630 1.09 5.69 -32.98
N VAL A 631 1.38 4.85 -31.98
CA VAL A 631 1.43 3.40 -32.15
C VAL A 631 0.05 2.80 -32.50
N ASN A 632 -0.98 3.20 -31.75
CA ASN A 632 -2.31 2.60 -31.89
C ASN A 632 -3.02 2.96 -33.20
N HIS A 633 -2.48 3.92 -33.94
CA HIS A 633 -3.12 4.39 -35.18
C HIS A 633 -2.27 4.16 -36.43
N ASP A 634 -1.15 3.46 -36.27
CA ASP A 634 -0.29 3.11 -37.39
C ASP A 634 -0.81 1.82 -38.05
N PRO A 635 -1.28 1.92 -39.31
CA PRO A 635 -1.90 0.79 -40.02
C PRO A 635 -0.94 -0.37 -40.25
N VAL A 636 0.35 -0.05 -40.38
CA VAL A 636 1.38 -1.06 -40.60
C VAL A 636 1.60 -1.94 -39.36
N VAL A 637 1.38 -1.37 -38.18
CA VAL A 637 1.49 -2.08 -36.91
C VAL A 637 0.37 -3.11 -36.76
N GLY A 638 -0.86 -2.70 -37.10
CA GLY A 638 -2.04 -3.56 -36.98
C GLY A 638 -2.39 -3.80 -35.52
N ASP A 639 -2.72 -5.04 -35.18
CA ASP A 639 -2.99 -5.41 -33.79
C ASP A 639 -1.79 -6.13 -33.16
N ARG A 640 -0.60 -5.87 -33.68
CA ARG A 640 0.62 -6.52 -33.18
C ARG A 640 1.22 -5.78 -31.98
N LEU A 641 0.88 -4.50 -31.84
CA LEU A 641 1.34 -3.69 -30.73
C LEU A 641 0.31 -2.64 -30.35
N ARG A 642 -0.08 -2.64 -29.08
CA ARG A 642 -1.03 -1.67 -28.54
C ARG A 642 -0.48 -1.11 -27.24
N VAL A 643 -0.61 0.20 -27.07
CA VAL A 643 -0.16 0.88 -25.85
C VAL A 643 -1.33 1.60 -25.22
N ILE A 644 -1.69 1.15 -24.02
CA ILE A 644 -2.86 1.67 -23.31
C ILE A 644 -2.42 2.19 -21.95
N PHE A 645 -2.82 3.43 -21.65
CA PHE A 645 -2.67 3.95 -20.30
C PHE A 645 -3.93 3.64 -19.50
N LEU A 646 -3.77 2.87 -18.42
CA LEU A 646 -4.87 2.51 -17.56
C LEU A 646 -5.18 3.63 -16.57
N GLU A 647 -6.28 4.32 -16.84
CA GLU A 647 -6.71 5.46 -16.06
C GLU A 647 -7.20 5.08 -14.66
N ASN A 648 -6.90 5.94 -13.69
CA ASN A 648 -7.43 5.85 -12.34
C ASN A 648 -7.10 4.52 -11.64
N TYR A 649 -5.86 4.07 -11.78
CA TYR A 649 -5.41 2.84 -11.11
C TYR A 649 -5.56 2.95 -9.60
N ARG A 650 -6.21 1.93 -9.03
CA ARG A 650 -6.63 1.90 -7.64
C ARG A 650 -6.87 0.43 -7.29
N VAL A 651 -7.22 0.15 -6.03
CA VAL A 651 -7.36 -1.25 -5.57
C VAL A 651 -8.38 -2.05 -6.42
N SER A 652 -9.56 -1.48 -6.64
CA SER A 652 -10.60 -2.19 -7.43
C SER A 652 -10.16 -2.47 -8.88
N LEU A 653 -9.39 -1.55 -9.48
CA LEU A 653 -8.82 -1.80 -10.81
C LEU A 653 -7.71 -2.87 -10.78
N ALA A 654 -6.88 -2.85 -9.73
CA ALA A 654 -5.84 -3.87 -9.53
C ALA A 654 -6.45 -5.28 -9.48
N GLU A 655 -7.61 -5.41 -8.84
CA GLU A 655 -8.29 -6.71 -8.73
C GLU A 655 -8.78 -7.23 -10.09
N LYS A 656 -8.94 -6.33 -11.05
CA LYS A 656 -9.33 -6.69 -12.42
C LYS A 656 -8.13 -6.97 -13.34
N VAL A 657 -7.14 -6.08 -13.33
CA VAL A 657 -6.02 -6.19 -14.27
C VAL A 657 -5.00 -7.28 -13.91
N ILE A 658 -4.71 -7.43 -12.61
CA ILE A 658 -3.69 -8.41 -12.18
C ILE A 658 -4.00 -9.87 -12.61
N PRO A 659 -5.26 -10.34 -12.42
CA PRO A 659 -5.60 -11.70 -12.91
C PRO A 659 -5.50 -11.87 -14.43
N ALA A 660 -5.56 -10.76 -15.16
CA ALA A 660 -5.49 -10.77 -16.61
C ALA A 660 -4.07 -10.68 -17.18
N ALA A 661 -3.09 -10.40 -16.33
CA ALA A 661 -1.73 -10.15 -16.81
C ALA A 661 -0.95 -11.41 -17.16
N ASP A 662 -0.14 -11.32 -18.22
CA ASP A 662 0.83 -12.36 -18.58
C ASP A 662 2.22 -12.01 -18.08
N LEU A 663 2.59 -10.74 -18.21
CA LEU A 663 3.92 -10.28 -17.83
C LEU A 663 3.85 -9.12 -16.84
N SER A 664 4.57 -9.27 -15.74
CA SER A 664 4.61 -8.29 -14.65
C SER A 664 5.93 -7.50 -14.73
N GLU A 665 5.82 -6.19 -14.91
CA GLU A 665 7.00 -5.33 -15.03
C GLU A 665 7.41 -4.78 -13.67
N GLN A 666 8.58 -5.23 -13.19
CA GLN A 666 9.10 -4.82 -11.89
C GLN A 666 10.56 -4.38 -12.05
N ILE A 667 10.72 -3.17 -12.60
CA ILE A 667 11.97 -2.79 -13.25
C ILE A 667 12.63 -1.57 -12.62
N SER A 668 12.45 -1.39 -11.31
CA SER A 668 13.12 -0.34 -10.55
C SER A 668 14.64 -0.49 -10.60
N THR A 669 15.36 0.63 -10.49
CA THR A 669 16.82 0.58 -10.38
C THR A 669 17.20 -0.17 -9.12
N ALA A 670 18.11 -1.13 -9.23
CA ALA A 670 18.52 -1.92 -8.07
C ALA A 670 18.88 -1.04 -6.87
N GLY A 671 18.30 -1.35 -5.72
CA GLY A 671 18.55 -0.62 -4.48
C GLY A 671 17.56 0.49 -4.15
N THR A 672 16.54 0.66 -4.98
CA THR A 672 15.59 1.77 -4.81
C THR A 672 14.18 1.37 -4.35
N GLU A 673 13.65 0.26 -4.84
CA GLU A 673 12.33 -0.22 -4.42
C GLU A 673 12.51 -1.08 -3.16
N ALA A 674 12.08 -0.58 -2.00
CA ALA A 674 12.32 -1.27 -0.73
C ALA A 674 11.84 -2.73 -0.78
N SER A 675 10.61 -2.94 -1.27
CA SER A 675 10.10 -4.29 -1.41
C SER A 675 9.32 -4.45 -2.70
N GLY A 676 8.29 -3.64 -2.87
CA GLY A 676 7.25 -3.89 -3.86
C GLY A 676 6.27 -4.90 -3.30
N THR A 677 4.99 -4.76 -3.65
CA THR A 677 3.99 -5.76 -3.26
C THR A 677 3.13 -6.15 -4.45
N GLY A 678 3.02 -5.23 -5.42
CA GLY A 678 2.39 -5.53 -6.70
C GLY A 678 3.05 -6.74 -7.31
N ASN A 679 4.39 -6.80 -7.24
CA ASN A 679 5.14 -7.95 -7.72
C ASN A 679 4.59 -9.30 -7.23
N MET A 680 4.26 -9.36 -5.94
CA MET A 680 3.72 -10.55 -5.31
C MET A 680 2.31 -10.89 -5.80
N LYS A 681 1.47 -9.87 -5.95
CA LYS A 681 0.11 -10.03 -6.49
C LYS A 681 0.11 -10.71 -7.88
N PHE A 682 1.00 -10.25 -8.76
CA PHE A 682 1.14 -10.82 -10.11
C PHE A 682 1.64 -12.27 -10.10
N MET A 683 2.59 -12.57 -9.21
CA MET A 683 3.14 -13.92 -9.07
C MET A 683 2.06 -14.93 -8.62
N LEU A 684 1.20 -14.48 -7.72
CA LEU A 684 0.13 -15.31 -7.18
C LEU A 684 -0.96 -15.59 -8.22
N ASN A 685 -1.06 -14.70 -9.20
CA ASN A 685 -2.14 -14.73 -10.19
C ASN A 685 -1.76 -15.23 -11.59
N GLY A 686 -0.58 -15.81 -11.70
CA GLY A 686 -0.20 -16.52 -12.93
C GLY A 686 0.45 -15.69 -14.00
N ALA A 687 1.13 -14.61 -13.60
CA ALA A 687 1.96 -13.87 -14.54
C ALA A 687 3.42 -14.19 -14.29
N LEU A 688 4.22 -14.15 -15.34
CA LEU A 688 5.67 -14.25 -15.20
C LEU A 688 6.24 -12.84 -14.96
N THR A 689 7.41 -12.77 -14.34
CA THR A 689 7.98 -11.49 -13.94
C THR A 689 9.26 -11.14 -14.71
N ILE A 690 9.27 -9.97 -15.34
CA ILE A 690 10.52 -9.37 -15.79
C ILE A 690 10.92 -8.31 -14.77
N GLY A 691 12.10 -8.48 -14.18
CA GLY A 691 12.51 -7.61 -13.11
C GLY A 691 14.00 -7.54 -12.86
N THR A 692 14.39 -6.46 -12.19
CA THR A 692 15.73 -6.29 -11.67
C THR A 692 15.83 -7.02 -10.32
N MET A 693 17.05 -7.26 -9.87
CA MET A 693 17.27 -7.81 -8.53
C MET A 693 17.13 -6.69 -7.49
N ASP A 694 15.89 -6.29 -7.25
CA ASP A 694 15.58 -5.21 -6.33
C ASP A 694 14.44 -5.61 -5.40
N GLY A 695 14.45 -5.07 -4.18
CA GLY A 695 13.38 -5.35 -3.21
C GLY A 695 13.07 -6.83 -3.09
N ALA A 696 11.77 -7.15 -3.08
CA ALA A 696 11.33 -8.53 -2.87
C ALA A 696 11.52 -9.41 -4.11
N ASN A 697 11.79 -8.80 -5.27
CA ASN A 697 12.11 -9.54 -6.50
C ASN A 697 13.18 -10.60 -6.26
N VAL A 698 14.20 -10.23 -5.47
CA VAL A 698 15.32 -11.12 -5.14
C VAL A 698 14.83 -12.41 -4.48
N GLU A 699 13.93 -12.25 -3.50
CA GLU A 699 13.40 -13.39 -2.74
C GLU A 699 12.41 -14.18 -3.58
N MET A 700 11.67 -13.50 -4.44
CA MET A 700 10.74 -14.14 -5.37
C MET A 700 11.47 -15.09 -6.32
N ALA A 701 12.58 -14.61 -6.90
CA ALA A 701 13.42 -15.39 -7.81
C ALA A 701 14.07 -16.56 -7.07
N GLU A 702 14.49 -16.31 -5.84
CA GLU A 702 15.04 -17.33 -4.95
C GLU A 702 14.03 -18.45 -4.67
N GLU A 703 12.78 -18.08 -4.40
CA GLU A 703 11.72 -19.07 -4.16
C GLU A 703 11.36 -19.87 -5.41
N ALA A 704 11.16 -19.19 -6.54
CA ALA A 704 10.74 -19.86 -7.78
C ALA A 704 11.88 -20.55 -8.52
N GLY A 705 13.10 -20.07 -8.29
CA GLY A 705 14.26 -20.49 -9.07
C GLY A 705 14.54 -19.45 -10.13
N GLU A 706 15.80 -19.04 -10.25
CA GLU A 706 16.19 -17.99 -11.19
C GLU A 706 15.88 -18.33 -12.64
N GLU A 707 15.82 -19.63 -12.94
CA GLU A 707 15.50 -20.10 -14.28
C GLU A 707 14.02 -19.85 -14.65
N ASN A 708 13.19 -19.60 -13.64
CA ASN A 708 11.76 -19.35 -13.84
C ASN A 708 11.38 -17.88 -13.68
N PHE A 709 12.39 -17.02 -13.79
CA PHE A 709 12.23 -15.58 -13.61
C PHE A 709 13.01 -14.89 -14.72
N PHE A 710 12.50 -13.76 -15.20
CA PHE A 710 13.19 -13.00 -16.23
C PHE A 710 13.96 -11.85 -15.60
N ILE A 711 15.17 -12.18 -15.13
CA ILE A 711 16.02 -11.24 -14.40
C ILE A 711 16.96 -10.56 -15.39
N PHE A 712 17.14 -9.26 -15.21
CA PHE A 712 18.05 -8.48 -16.04
C PHE A 712 18.67 -7.33 -15.24
N GLY A 713 19.72 -6.75 -15.79
CA GLY A 713 20.19 -5.45 -15.36
C GLY A 713 21.23 -5.46 -14.26
N MET A 714 21.65 -4.25 -13.89
CA MET A 714 22.60 -4.06 -12.82
C MET A 714 22.07 -4.58 -11.50
N ARG A 715 22.95 -5.21 -10.73
CA ARG A 715 22.71 -5.48 -9.32
C ARG A 715 23.12 -4.24 -8.53
N VAL A 716 22.76 -4.20 -7.25
CA VAL A 716 23.15 -3.10 -6.35
C VAL A 716 24.64 -2.76 -6.46
N GLU A 717 25.49 -3.79 -6.49
CA GLU A 717 26.95 -3.64 -6.59
C GLU A 717 27.38 -2.92 -7.87
N ASP A 718 26.70 -3.23 -8.98
CA ASP A 718 27.00 -2.62 -10.28
C ASP A 718 26.60 -1.16 -10.31
N VAL A 719 25.51 -0.83 -9.62
CA VAL A 719 25.06 0.55 -9.48
C VAL A 719 26.10 1.36 -8.69
N ASP A 720 26.58 0.77 -7.59
CA ASP A 720 27.63 1.35 -6.75
C ASP A 720 28.92 1.62 -7.53
N ARG A 721 29.34 0.63 -8.33
CA ARG A 721 30.54 0.76 -9.18
C ARG A 721 30.39 1.88 -10.19
N LEU A 722 29.19 2.02 -10.75
CA LEU A 722 28.90 3.07 -11.73
C LEU A 722 28.88 4.47 -11.11
N ASP A 723 28.42 4.57 -9.86
CA ASP A 723 28.41 5.83 -9.13
C ASP A 723 29.81 6.34 -8.78
N GLN A 724 30.71 5.41 -8.45
CA GLN A 724 32.09 5.75 -8.10
C GLN A 724 32.81 6.33 -9.31
N ARG A 725 32.60 5.72 -10.47
CA ARG A 725 33.20 6.14 -11.72
C ARG A 725 32.53 7.41 -12.23
N GLY A 726 31.23 7.56 -11.95
CA GLY A 726 30.43 8.64 -12.48
C GLY A 726 29.59 8.14 -13.65
N TYR A 727 28.29 8.40 -13.60
CA TYR A 727 27.37 7.93 -14.64
C TYR A 727 27.28 8.91 -15.80
N ASN A 728 27.71 8.45 -16.97
CA ASN A 728 27.66 9.25 -18.19
C ASN A 728 26.71 8.63 -19.22
N ALA A 729 25.53 9.24 -19.35
CA ALA A 729 24.48 8.74 -20.24
C ALA A 729 24.87 8.86 -21.71
N GLN A 730 25.66 9.88 -22.03
CA GLN A 730 26.14 10.12 -23.41
C GLN A 730 26.81 8.88 -23.99
N GLU A 731 27.58 8.18 -23.17
CA GLU A 731 28.26 6.95 -23.57
C GLU A 731 27.32 5.93 -24.21
N TYR A 732 26.18 5.70 -23.56
CA TYR A 732 25.17 4.76 -24.05
C TYR A 732 24.52 5.25 -25.34
N TYR A 733 24.18 6.52 -25.36
CA TYR A 733 23.63 7.20 -26.55
C TYR A 733 24.56 7.05 -27.75
N ASP A 734 25.86 7.17 -27.50
CA ASP A 734 26.87 7.10 -28.55
C ASP A 734 27.08 5.68 -29.10
N ARG A 735 26.88 4.68 -28.24
CA ARG A 735 27.25 3.30 -28.56
C ARG A 735 26.07 2.39 -28.93
N ILE A 736 24.85 2.87 -28.69
CA ILE A 736 23.66 2.09 -29.02
C ILE A 736 22.81 2.87 -30.04
N PRO A 737 22.89 2.48 -31.33
CA PRO A 737 22.18 3.18 -32.41
C PRO A 737 20.65 3.20 -32.22
N GLU A 738 20.08 2.09 -31.73
CA GLU A 738 18.64 2.00 -31.49
C GLU A 738 18.17 2.96 -30.40
N LEU A 739 19.02 3.19 -29.40
CA LEU A 739 18.73 4.14 -28.33
C LEU A 739 18.81 5.58 -28.85
N ARG A 740 19.82 5.85 -29.68
CA ARG A 740 20.00 7.16 -30.32
C ARG A 740 18.79 7.56 -31.14
N GLN A 741 18.28 6.62 -31.94
CA GLN A 741 17.09 6.85 -32.76
C GLN A 741 15.89 7.31 -31.92
N ILE A 742 15.67 6.64 -30.79
CA ILE A 742 14.55 6.99 -29.90
C ILE A 742 14.70 8.41 -29.35
N ILE A 743 15.90 8.75 -28.89
CA ILE A 743 16.18 10.08 -28.35
C ILE A 743 15.99 11.16 -29.43
N GLU A 744 16.46 10.88 -30.64
CA GLU A 744 16.24 11.77 -31.77
C GLU A 744 14.75 11.96 -32.05
N GLN A 745 13.99 10.87 -32.00
CA GLN A 745 12.53 10.92 -32.20
C GLN A 745 11.85 11.78 -31.14
N LEU A 746 12.25 11.58 -29.88
CA LEU A 746 11.72 12.36 -28.77
C LEU A 746 12.05 13.85 -28.91
N SER A 747 13.32 14.15 -29.18
CA SER A 747 13.80 15.53 -29.33
C SER A 747 13.17 16.28 -30.51
N SER A 748 13.00 15.58 -31.63
CA SER A 748 12.56 16.22 -32.88
C SER A 748 11.05 16.45 -32.99
N GLY A 749 10.27 15.82 -32.11
CA GLY A 749 8.83 16.01 -32.08
C GLY A 749 8.05 14.96 -32.84
N PHE A 750 8.62 13.76 -32.97
CA PHE A 750 7.97 12.64 -33.64
C PHE A 750 6.69 12.21 -32.89
N PHE A 751 6.73 12.31 -31.56
CA PHE A 751 5.59 11.94 -30.71
C PHE A 751 4.74 13.14 -30.28
N SER A 752 5.07 14.32 -30.80
CA SER A 752 4.29 15.54 -30.57
C SER A 752 4.51 16.55 -31.70
N PRO A 753 3.86 16.32 -32.86
CA PRO A 753 4.11 17.12 -34.07
C PRO A 753 3.80 18.60 -33.94
N LYS A 754 2.80 18.94 -33.12
CA LYS A 754 2.37 20.33 -32.96
C LYS A 754 3.12 21.07 -31.86
N GLN A 755 3.72 20.32 -30.94
CA GLN A 755 4.62 20.87 -29.92
C GLN A 755 5.92 20.07 -29.93
N PRO A 756 6.82 20.36 -30.89
CA PRO A 756 8.03 19.56 -31.12
C PRO A 756 8.98 19.46 -29.93
N ASP A 757 8.95 20.45 -29.04
CA ASP A 757 9.86 20.48 -27.89
C ASP A 757 9.18 20.05 -26.58
N LEU A 758 8.00 19.44 -26.69
CA LEU A 758 7.22 19.03 -25.51
C LEU A 758 8.00 18.17 -24.52
N PHE A 759 8.81 17.24 -25.04
CA PHE A 759 9.49 16.27 -24.19
C PHE A 759 10.96 16.60 -23.91
N LYS A 760 11.33 17.86 -24.11
CA LYS A 760 12.72 18.33 -23.89
C LYS A 760 13.19 18.11 -22.45
N ASP A 761 12.29 18.28 -21.49
CA ASP A 761 12.60 18.03 -20.07
C ASP A 761 13.01 16.58 -19.85
N ILE A 762 12.24 15.67 -20.44
CA ILE A 762 12.52 14.23 -20.34
C ILE A 762 13.88 13.87 -20.94
N VAL A 763 14.14 14.36 -22.15
CA VAL A 763 15.41 14.13 -22.84
C VAL A 763 16.58 14.70 -22.04
N ASN A 764 16.43 15.95 -21.57
CA ASN A 764 17.47 16.61 -20.79
C ASN A 764 17.82 15.83 -19.52
N MET A 765 16.79 15.35 -18.84
CA MET A 765 16.96 14.54 -17.63
C MET A 765 17.69 13.23 -17.94
N LEU A 766 17.24 12.53 -18.98
CA LEU A 766 17.84 11.26 -19.38
C LEU A 766 19.32 11.40 -19.75
N MET A 767 19.64 12.50 -20.44
CA MET A 767 20.99 12.77 -20.93
C MET A 767 21.95 13.34 -19.87
N HIS A 768 21.43 14.15 -18.95
CA HIS A 768 22.31 14.94 -18.07
C HIS A 768 22.17 14.76 -16.56
N HIS A 769 21.00 14.35 -16.08
CA HIS A 769 20.80 14.16 -14.63
C HIS A 769 19.83 13.05 -14.27
N ASP A 770 20.10 11.85 -14.77
CA ASP A 770 19.28 10.68 -14.46
C ASP A 770 19.85 9.96 -13.25
N ARG A 771 19.22 10.16 -12.10
CA ARG A 771 19.59 9.48 -10.86
C ARG A 771 19.41 7.97 -10.94
N PHE A 772 18.58 7.51 -11.87
CA PHE A 772 18.14 6.11 -11.89
C PHE A 772 18.63 5.27 -13.08
N LYS A 773 19.55 5.84 -13.85
CA LYS A 773 20.37 5.10 -14.83
C LYS A 773 19.55 4.26 -15.80
N VAL A 774 18.54 4.89 -16.39
CA VAL A 774 17.66 4.28 -17.38
C VAL A 774 18.43 3.69 -18.57
N PHE A 775 19.37 4.46 -19.13
CA PHE A 775 20.19 4.00 -20.26
C PHE A 775 21.06 2.78 -19.93
N ALA A 776 21.58 2.72 -18.71
CA ALA A 776 22.50 1.65 -18.30
C ALA A 776 21.88 0.26 -18.31
N ASP A 777 20.56 0.19 -18.13
CA ASP A 777 19.86 -1.11 -18.14
C ASP A 777 19.15 -1.40 -19.46
N TYR A 778 19.19 -0.46 -20.40
CA TYR A 778 18.41 -0.55 -21.64
C TYR A 778 18.69 -1.80 -22.49
N GLU A 779 19.96 -2.07 -22.78
CA GLU A 779 20.34 -3.20 -23.63
C GLU A 779 19.94 -4.55 -23.05
N GLU A 780 20.29 -4.79 -21.79
CA GLU A 780 19.92 -6.02 -21.10
C GLU A 780 18.41 -6.21 -21.00
N TYR A 781 17.69 -5.10 -20.82
CA TYR A 781 16.23 -5.11 -20.74
C TYR A 781 15.59 -5.54 -22.05
N VAL A 782 16.04 -4.94 -23.14
CA VAL A 782 15.55 -5.27 -24.49
C VAL A 782 15.81 -6.75 -24.83
N LYS A 783 17.02 -7.22 -24.53
CA LYS A 783 17.39 -8.63 -24.77
C LYS A 783 16.51 -9.58 -23.97
N CYS A 784 16.33 -9.27 -22.69
CA CYS A 784 15.49 -10.07 -21.80
C CYS A 784 14.05 -10.13 -22.29
N GLN A 785 13.54 -9.00 -22.79
CA GLN A 785 12.20 -8.93 -23.39
C GLN A 785 12.04 -9.84 -24.61
N GLU A 786 13.12 -10.02 -25.38
CA GLU A 786 13.14 -10.96 -26.51
C GLU A 786 13.00 -12.40 -26.01
N ARG A 787 13.62 -12.70 -24.87
CA ARG A 787 13.51 -14.02 -24.26
C ARG A 787 12.09 -14.31 -23.74
N VAL A 788 11.40 -13.26 -23.30
CA VAL A 788 9.99 -13.36 -22.90
C VAL A 788 9.12 -13.73 -24.09
N SER A 789 9.29 -13.00 -25.21
CA SER A 789 8.54 -13.23 -26.44
C SER A 789 8.76 -14.64 -26.99
N ALA A 790 10.00 -15.11 -26.93
CA ALA A 790 10.37 -16.47 -27.34
C ALA A 790 9.60 -17.53 -26.55
N LEU A 791 9.52 -17.36 -25.24
CA LEU A 791 8.82 -18.34 -24.40
C LEU A 791 7.31 -18.30 -24.61
N TYR A 792 6.76 -17.11 -24.86
CA TYR A 792 5.32 -16.97 -25.08
C TYR A 792 4.85 -17.70 -26.35
N LYS A 793 5.75 -17.87 -27.31
CA LYS A 793 5.49 -18.66 -28.53
C LYS A 793 5.26 -20.14 -28.25
N ASN A 794 5.70 -20.60 -27.08
CA ASN A 794 5.50 -21.97 -26.63
C ASN A 794 4.55 -22.00 -25.42
N PRO A 795 3.23 -22.02 -25.69
CA PRO A 795 2.21 -21.90 -24.64
C PRO A 795 2.36 -22.91 -23.52
N ARG A 796 2.73 -24.14 -23.87
CA ARG A 796 2.88 -25.21 -22.88
C ARG A 796 4.02 -24.92 -21.90
N GLU A 797 5.17 -24.46 -22.43
CA GLU A 797 6.31 -24.16 -21.57
C GLU A 797 6.13 -22.85 -20.79
N TRP A 798 5.42 -21.88 -21.38
CA TRP A 798 5.01 -20.67 -20.67
C TRP A 798 4.20 -21.05 -19.42
N THR A 799 3.14 -21.84 -19.63
CA THR A 799 2.25 -22.26 -18.55
C THR A 799 2.95 -23.10 -17.48
N ARG A 800 3.87 -23.97 -17.90
CA ARG A 800 4.64 -24.77 -16.93
C ARG A 800 5.49 -23.88 -16.01
N MET A 801 6.10 -22.84 -16.58
CA MET A 801 6.87 -21.88 -15.79
C MET A 801 5.94 -21.07 -14.86
N VAL A 802 4.75 -20.74 -15.37
CA VAL A 802 3.72 -20.09 -14.56
C VAL A 802 3.37 -20.94 -13.32
N ILE A 803 3.15 -22.24 -13.53
CA ILE A 803 2.86 -23.15 -12.42
C ILE A 803 3.97 -23.15 -11.38
N ARG A 804 5.22 -23.12 -11.84
CA ARG A 804 6.36 -23.09 -10.93
C ARG A 804 6.39 -21.80 -10.10
N ASN A 805 5.87 -20.71 -10.66
CA ASN A 805 5.76 -19.43 -9.94
C ASN A 805 4.64 -19.45 -8.90
N ILE A 806 3.43 -19.81 -9.31
CA ILE A 806 2.29 -19.90 -8.40
C ILE A 806 2.59 -20.84 -7.24
N ALA A 807 3.21 -21.98 -7.55
CA ALA A 807 3.53 -23.00 -6.57
C ALA A 807 4.48 -22.55 -5.47
N THR A 808 5.34 -21.57 -5.79
CA THR A 808 6.36 -21.11 -4.86
C THR A 808 6.07 -19.69 -4.30
N SER A 809 4.84 -19.22 -4.49
CA SER A 809 4.45 -17.88 -4.04
C SER A 809 4.05 -17.80 -2.56
N GLY A 810 3.99 -18.97 -1.90
CA GLY A 810 3.55 -19.09 -0.50
C GLY A 810 4.21 -18.20 0.53
N LYS A 811 5.53 -17.99 0.41
CA LYS A 811 6.28 -17.12 1.33
C LYS A 811 5.71 -15.70 1.39
N PHE A 812 5.04 -15.29 0.32
CA PHE A 812 4.63 -13.89 0.18
C PHE A 812 3.20 -13.61 0.64
N SER A 813 2.67 -14.54 1.43
CA SER A 813 1.42 -14.31 2.14
C SER A 813 1.72 -13.41 3.32
N SER A 814 0.85 -12.43 3.55
CA SER A 814 0.99 -11.56 4.71
C SER A 814 0.71 -12.29 6.02
N ASP A 815 0.11 -13.49 5.96
CA ASP A 815 0.00 -14.35 7.15
C ASP A 815 1.40 -14.71 7.67
N ARG A 816 2.30 -15.04 6.75
CA ARG A 816 3.70 -15.32 7.12
C ARG A 816 4.35 -14.08 7.72
N THR A 817 4.22 -12.95 7.03
CA THR A 817 4.79 -11.67 7.49
C THR A 817 4.33 -11.34 8.91
N ILE A 818 3.01 -11.38 9.13
CA ILE A 818 2.42 -11.03 10.42
C ILE A 818 2.84 -11.99 11.54
N ALA A 819 2.92 -13.28 11.22
CA ALA A 819 3.42 -14.26 12.20
C ALA A 819 4.84 -13.94 12.65
N GLN A 820 5.67 -13.40 11.73
CA GLN A 820 7.04 -13.01 12.08
C GLN A 820 7.08 -11.75 12.96
N TYR A 821 6.30 -10.73 12.60
CA TYR A 821 6.10 -9.56 13.47
C TYR A 821 5.65 -9.99 14.87
N ALA A 822 4.66 -10.88 14.92
CA ALA A 822 4.07 -11.33 16.18
C ALA A 822 5.12 -12.00 17.08
N ARG A 823 5.88 -12.92 16.51
CA ARG A 823 6.85 -13.70 17.26
C ARG A 823 8.13 -12.93 17.55
N GLU A 824 8.61 -12.17 16.58
CA GLU A 824 9.94 -11.56 16.68
C GLU A 824 9.95 -10.11 17.18
N ILE A 825 8.81 -9.44 17.10
CA ILE A 825 8.73 -8.03 17.53
C ILE A 825 7.73 -7.80 18.65
N TRP A 826 6.49 -8.27 18.46
CA TRP A 826 5.41 -7.96 19.39
C TRP A 826 5.34 -8.88 20.61
N GLY A 827 5.93 -10.06 20.47
CA GLY A 827 5.98 -11.04 21.55
C GLY A 827 4.63 -11.67 21.85
N VAL A 828 3.91 -12.03 20.78
CA VAL A 828 2.62 -12.72 20.91
C VAL A 828 2.54 -13.90 19.96
N GLU A 829 1.76 -14.91 20.35
CA GLU A 829 1.56 -16.09 19.52
C GLU A 829 0.27 -16.00 18.71
N PRO A 830 0.36 -16.25 17.39
CA PRO A 830 -0.81 -16.37 16.53
C PRO A 830 -1.55 -17.69 16.78
N SER A 831 -2.80 -17.78 16.34
CA SER A 831 -3.57 -19.03 16.36
C SER A 831 -4.67 -19.03 15.31
N ARG A 832 -4.86 -20.18 14.66
CA ARG A 832 -5.92 -20.35 13.67
C ARG A 832 -7.23 -20.84 14.29
N GLN A 833 -7.29 -20.86 15.63
CA GLN A 833 -8.45 -21.37 16.36
C GLN A 833 -9.68 -20.47 16.26
N ARG A 834 -10.82 -21.10 16.00
CA ARG A 834 -12.11 -20.43 15.86
C ARG A 834 -12.62 -19.91 17.20
N LEU A 835 -13.29 -18.76 17.15
CA LEU A 835 -14.17 -18.33 18.23
C LEU A 835 -15.56 -18.89 17.94
N PRO A 836 -16.36 -19.17 19.00
CA PRO A 836 -17.72 -19.67 18.78
C PRO A 836 -18.58 -18.72 17.96
N ALA A 837 -19.34 -19.27 17.01
CA ALA A 837 -20.11 -18.48 16.04
C ALA A 837 -21.26 -17.71 16.66
N1 PLP B . -1.34 0.67 -5.69
C2 PLP B . -2.33 -0.27 -5.57
C2A PLP B . -3.75 0.16 -5.86
C3 PLP B . -2.05 -1.58 -5.18
O3 PLP B . -2.97 -2.41 -5.07
C4 PLP B . -0.71 -1.94 -4.91
C4A PLP B . -0.32 -3.34 -4.49
C5 PLP B . 0.29 -0.96 -5.02
C6 PLP B . -0.02 0.33 -5.43
C5A PLP B . 1.73 -1.27 -4.77
O4P PLP B . 2.43 -1.61 -5.99
P PLP B . 4.04 -1.61 -6.17
O1P PLP B . 4.13 -2.13 -7.54
O2P PLP B . 4.44 -0.20 -6.04
O3P PLP B . 4.55 -2.51 -5.13
C10 VMP C . -22.74 0.58 11.12
C11 VMP C . -22.16 -0.70 11.09
C24 VMP C . -20.90 -0.87 10.54
C26 VMP C . -20.33 -2.13 10.50
C27 VMP C . -21.02 -3.23 11.01
C25 VMP C . -22.29 -3.06 11.56
C12 VMP C . -22.87 -1.79 11.59
C13 VMP C . -24.15 -1.61 12.14
C14 VMP C . -24.71 -0.33 12.18
C9 VMP C . -24.01 0.76 11.66
C8 VMP C . -24.59 2.19 11.68
O8 VMP C . -24.25 3.02 10.84
N2 VMP C . -25.43 2.45 12.70
C7 VMP C . -26.02 3.64 12.92
O7 VMP C . -26.77 3.79 13.88
N1 VMP C . -25.75 4.63 12.06
C1 VMP C . -26.34 5.99 12.21
O5 VMP C . -27.64 6.08 11.57
C5 VMP C . -28.26 7.37 11.90
C6 VMP C . -29.77 7.32 11.60
O6 VMP C . -30.01 6.77 10.31
C4 VMP C . -27.46 8.47 11.18
O4 VMP C . -28.03 9.77 11.42
C3 VMP C . -26.01 8.47 11.67
O3 VMP C . -25.21 9.36 10.88
C2 VMP C . -25.38 7.06 11.65
O2 VMP C . -24.17 7.08 12.42
P IMP D . -13.25 -0.79 23.94
O1P IMP D . -12.23 -1.55 23.14
O2P IMP D . -12.58 -0.16 25.14
O3P IMP D . -13.87 0.28 23.07
O5' IMP D . -14.38 -1.81 24.45
C5' IMP D . -14.78 -2.92 23.66
C4' IMP D . -15.72 -3.86 24.40
O4' IMP D . -15.22 -4.25 25.67
C3' IMP D . -17.10 -3.26 24.67
O3' IMP D . -17.96 -3.40 23.56
C2' IMP D . -17.57 -4.06 25.87
O2' IMP D . -18.21 -5.25 25.48
C1' IMP D . -16.28 -4.42 26.61
N9 IMP D . -16.13 -3.51 27.76
C8 IMP D . -15.32 -2.39 27.84
N7 IMP D . -15.49 -1.82 29.06
C5 IMP D . -16.39 -2.55 29.76
C6 IMP D . -16.93 -2.41 31.04
O6 IMP D . -16.76 -1.37 31.66
N1 IMP D . -17.85 -3.33 31.50
C2 IMP D . -18.26 -4.37 30.69
N3 IMP D . -17.73 -4.50 29.42
C4 IMP D . -16.81 -3.61 28.96
C10 VMP E . 5.67 8.03 0.65
C11 VMP E . 5.93 9.30 1.19
C24 VMP E . 7.17 9.91 0.97
C26 VMP E . 7.43 11.17 1.50
C27 VMP E . 6.45 11.83 2.24
C25 VMP E . 5.20 11.23 2.46
C12 VMP E . 4.94 9.97 1.93
C13 VMP E . 3.70 9.37 2.14
C14 VMP E . 3.44 8.11 1.61
C9 VMP E . 4.42 7.44 0.87
C8 VMP E . 4.11 6.05 0.30
O8 VMP E . 3.00 5.83 -0.18
N2 VMP E . 5.12 5.16 0.36
C7 VMP E . 5.05 3.88 -0.09
O7 VMP E . 4.03 3.42 -0.62
N1 VMP E . 6.15 3.15 0.07
C1 VMP E . 6.18 1.73 -0.39
O5 VMP E . 5.89 0.86 0.75
C5 VMP E . 5.65 -0.50 0.31
C6 VMP E . 5.22 -1.29 1.55
O6 VMP E . 6.36 -1.56 2.37
C4 VMP E . 6.92 -1.09 -0.36
O4 VMP E . 6.59 -2.37 -0.93
C3 VMP E . 7.47 -0.16 -1.46
O3 VMP E . 8.77 -0.60 -1.86
C2 VMP E . 7.55 1.31 -0.96
O2 VMP E . 7.94 2.20 -2.00
#